data_7VW3
#
_entry.id   7VW3
#
loop_
_entity.id
_entity.type
_entity.pdbx_description
1 polymer 'CRISPR-associated endonuclease Cas9'
2 polymer 'single-guide RNA'
3 polymer 'Target DNA strand'
4 polymer 'Non-target DNA strand'
5 non-polymer 'MAGNESIUM ION'
#
loop_
_entity_poly.entity_id
_entity_poly.type
_entity_poly.pdbx_seq_one_letter_code
_entity_poly.pdbx_strand_id
1 'polypeptide(L)'
;KRNYILGLAIGITSVGYGIIDYETRDVIDAGVRLFKEANVENNEGRRSKRGARRLKRRRRHRIQRVKKLLFDYNLLTDHS
ELSGINPYEARVKGLSQKLSEEEFSAALLHLAKRRGVHNVNEVEEDTGNELSTKEQISRNSKALEEKYVAELQLERLKKD
GEVRGSINRFKTSDYVKEAKQLLKVQKAYHQLDQSFIDTYIDLLETRRTYYEGPGEGSPFGWKDIKEWYEMLMGHCTYFP
EELRSVKYAYNADLYNALNDLNNLVITRDENEKLEYYEKFQIIENVFKQKKKPTLKQIAKEILVNEEDIKGYRVTSTGKP
EFTNLKVYHDIKDITARKEIIENAELLDQIAKILTIYQSSEDIQEELTNLNSELTQEEIEQISNLKGYTGTHNLSLKAIN
LILDELWHTNDNQIAIFNRLKLVPKKVDLSQQKEIPTTLVDDFILSPVVKRSFIQSIKVINAIIKKYGLPNDIIIELARE
KNSKDAQKMINEMQKRNRQTNERIEEIIRTTGKENAKYLIEKIKLHDMQEGKCLYSLEAIPLEDLLNNPFNYEVDHIIPR
SVSFDNSFNNKVLVKQEEASKKGNRTPFQYLSSSDSKISYETFKKHILNLAKGKGRISKTKKEYLLEERDINRFSVQKDF
INRNLVDTRYATRGLMNLLRSYFRVNNLDVKVKSINGGFTSFLRRKWKFKKERNKGYKHHAEDALIIANADFIFKEWKKL
DKAKKVMENQMFEEKQAESMPEIETEQEYKEIFITPHQIKHIKDFKDYKYSHRVDKKPNRELINDTLYSTRKDDKGNTLI
VNNLNGLYDKDNDKLKKLINKSPEKLLMYHHDPQTYQKLKLIMEQYGDEKNPLYKYYEETGNYLTKYSKKDNGPVIKKIK
YYGNKLNAHLDITDDYPNSRNKVVKLSLKPYRFDVYLDNGVYKFVTVKNLDVIKKENYYEVNSKCYEEAKKLKKISNQAE
FIASFYNNDLIKINGELYRVIGVNNDLLNRIEVNMIDITYREYLENMNDKRPPRIIKTIASKTQSIKKYSTDILGNLYEV
KSKKHPQIIKKG
;
A
2 'polyribonucleotide'
;GUACCGCUCCAGUCGUUCAUGGUUUUAGUACUCUGGAAACAGAAUCUACUAAAACAAGGCAAAAUGCCGUGUUUAUCUCG
UCAACUUGUUGGCGAGAUUUUUUU
;
B
3 'polydeoxyribonucleotide'
;(DA)(DG)(DA)(DG)(DT)(DA)(DC)(DT)(DA)(DA)(DA)(DA)(DC)(DA)(DT)(DT)(DC)(DA)(DA)(DC)
(DA)(DT)(DG)(DA)(DA)(DC)(DG)(DA)(DC)(DT)(DG)(DG)(DA)(DG)(DC)(DG)(DG)(DT)(DA)(DC)
;
C
4 'polydeoxyribonucleotide'
;(DT)(DC)(DG)(DT)(DT)(DC)(DA)(DT)(DG)(DT)(DT)(DG)(DA)(DA)(DT)(DG)(DT)(DT)(DT)(DT)
(DA)(DG)(DT)(DA)(DC)(DT)(DC)(DT)
;
D
#
loop_
_chem_comp.id
_chem_comp.type
_chem_comp.name
_chem_comp.formula
A RNA linking ADENOSINE-5'-MONOPHOSPHATE 'C10 H14 N5 O7 P'
C RNA linking CYTIDINE-5'-MONOPHOSPHATE 'C9 H14 N3 O8 P'
DA DNA linking 2'-DEOXYADENOSINE-5'-MONOPHOSPHATE 'C10 H14 N5 O6 P'
DC DNA linking 2'-DEOXYCYTIDINE-5'-MONOPHOSPHATE 'C9 H14 N3 O7 P'
DG DNA linking 2'-DEOXYGUANOSINE-5'-MONOPHOSPHATE 'C10 H14 N5 O7 P'
DT DNA linking THYMIDINE-5'-MONOPHOSPHATE 'C10 H15 N2 O8 P'
G RNA linking GUANOSINE-5'-MONOPHOSPHATE 'C10 H14 N5 O8 P'
MG non-polymer 'MAGNESIUM ION' 'Mg 2'
U RNA linking URIDINE-5'-MONOPHOSPHATE 'C9 H13 N2 O9 P'
#
# COMPACT_ATOMS: atom_id res chain seq x y z
N LYS A 1 -13.42 -0.71 -41.87
CA LYS A 1 -12.05 -0.74 -41.37
C LYS A 1 -11.08 0.00 -42.28
N ARG A 2 -10.24 0.84 -41.69
CA ARG A 2 -9.14 1.48 -42.42
C ARG A 2 -7.84 1.25 -41.66
N ASN A 3 -6.71 1.57 -42.28
CA ASN A 3 -5.39 1.30 -41.71
C ASN A 3 -5.07 2.38 -40.69
N TYR A 4 -5.01 1.98 -39.41
CA TYR A 4 -4.80 2.92 -38.32
C TYR A 4 -3.73 2.39 -37.37
N ILE A 5 -3.05 3.33 -36.71
CA ILE A 5 -2.06 3.06 -35.69
C ILE A 5 -2.57 3.60 -34.37
N LEU A 6 -2.36 2.84 -33.29
CA LEU A 6 -2.84 3.18 -31.96
C LEU A 6 -1.72 3.73 -31.09
N GLY A 7 -2.09 4.67 -30.22
CA GLY A 7 -1.17 5.22 -29.25
C GLY A 7 -1.85 5.34 -27.89
N LEU A 8 -1.25 4.71 -26.88
CA LEU A 8 -1.88 4.61 -25.57
C LEU A 8 -1.06 5.34 -24.53
N ALA A 9 -1.73 5.91 -23.54
CA ALA A 9 -1.14 6.41 -22.31
C ALA A 9 -1.93 5.98 -21.10
N ILE A 10 -1.27 5.78 -20.01
CA ILE A 10 -1.93 5.27 -18.80
C ILE A 10 -1.40 6.01 -17.59
N GLY A 11 -2.29 6.31 -16.64
CA GLY A 11 -1.90 6.84 -15.36
C GLY A 11 -2.90 6.40 -14.31
N ILE A 12 -2.48 6.51 -13.05
CA ILE A 12 -3.29 6.03 -11.93
C ILE A 12 -4.68 6.64 -11.88
N THR A 13 -4.93 7.69 -12.67
CA THR A 13 -6.26 8.27 -12.80
C THR A 13 -7.01 7.84 -14.05
N SER A 14 -6.32 7.72 -15.19
CA SER A 14 -7.02 7.73 -16.46
C SER A 14 -6.29 6.90 -17.50
N VAL A 15 -7.00 6.62 -18.59
CA VAL A 15 -6.45 6.01 -19.79
C VAL A 15 -6.61 7.04 -20.91
N GLY A 16 -5.62 7.10 -21.80
CA GLY A 16 -5.69 8.04 -22.91
C GLY A 16 -5.41 7.36 -24.23
N TYR A 17 -6.27 7.60 -25.22
CA TYR A 17 -6.18 6.95 -26.50
C TYR A 17 -6.00 7.98 -27.61
N GLY A 18 -5.16 7.63 -28.58
CA GLY A 18 -5.03 8.40 -29.80
C GLY A 18 -4.88 7.51 -31.02
N ILE A 19 -5.79 7.65 -31.99
CA ILE A 19 -5.83 6.78 -33.15
C ILE A 19 -5.52 7.62 -34.37
N ILE A 20 -4.42 7.31 -35.05
CA ILE A 20 -3.96 8.05 -36.21
C ILE A 20 -4.08 7.12 -37.42
N ASP A 21 -4.21 7.71 -38.61
CA ASP A 21 -4.16 6.90 -39.82
C ASP A 21 -2.74 6.43 -40.08
N TYR A 22 -2.62 5.20 -40.59
CA TYR A 22 -1.31 4.64 -40.88
C TYR A 22 -0.69 5.24 -42.14
N GLU A 23 -1.51 5.62 -43.11
CA GLU A 23 -0.99 6.02 -44.42
C GLU A 23 -0.44 7.44 -44.41
N THR A 24 -1.30 8.42 -44.13
CA THR A 24 -0.94 9.83 -44.25
C THR A 24 -0.67 10.51 -42.92
N ARG A 25 -0.53 9.74 -41.84
CA ARG A 25 -0.22 10.28 -40.51
C ARG A 25 -1.30 11.24 -40.01
N ASP A 26 -2.56 10.97 -40.34
CA ASP A 26 -3.67 11.82 -39.91
C ASP A 26 -4.37 11.21 -38.70
N VAL A 27 -4.57 12.04 -37.68
CA VAL A 27 -5.31 11.61 -36.49
C VAL A 27 -6.79 11.52 -36.83
N ILE A 28 -7.40 10.39 -36.47
CA ILE A 28 -8.85 10.26 -36.59
C ILE A 28 -9.54 10.30 -35.24
N ASP A 29 -8.90 9.83 -34.18
CA ASP A 29 -9.55 9.79 -32.87
C ASP A 29 -8.55 10.26 -31.82
N ALA A 30 -9.06 10.90 -30.77
CA ALA A 30 -8.23 11.34 -29.66
C ALA A 30 -9.11 11.64 -28.45
N GLY A 31 -8.85 10.96 -27.34
CA GLY A 31 -9.68 11.16 -26.17
C GLY A 31 -9.10 10.48 -24.95
N VAL A 32 -9.85 10.58 -23.85
CA VAL A 32 -9.44 10.04 -22.55
C VAL A 32 -10.63 9.39 -21.87
N ARG A 33 -10.41 8.23 -21.28
CA ARG A 33 -11.37 7.63 -20.36
C ARG A 33 -10.87 7.84 -18.94
N LEU A 34 -11.81 8.08 -18.03
CA LEU A 34 -11.54 8.22 -16.61
C LEU A 34 -12.16 7.07 -15.84
N PHE A 35 -11.56 6.78 -14.69
CA PHE A 35 -12.08 5.73 -13.81
C PHE A 35 -11.68 6.08 -12.39
N LYS A 36 -12.35 5.44 -11.44
CA LYS A 36 -12.08 5.68 -10.03
C LYS A 36 -10.63 5.41 -9.71
N GLU A 37 -9.89 6.46 -9.38
CA GLU A 37 -8.46 6.33 -9.10
C GLU A 37 -8.22 5.42 -7.90
N ALA A 38 -7.24 4.53 -8.03
CA ALA A 38 -6.92 3.56 -6.99
C ALA A 38 -5.56 3.86 -6.41
N ASN A 39 -5.44 3.72 -5.09
CA ASN A 39 -4.17 3.78 -4.39
C ASN A 39 -4.08 2.56 -3.48
N VAL A 40 -2.84 2.19 -3.13
CA VAL A 40 -2.63 1.02 -2.30
C VAL A 40 -3.37 1.17 -0.98
N GLU A 41 -3.49 2.40 -0.49
CA GLU A 41 -4.17 2.64 0.77
C GLU A 41 -5.62 2.19 0.72
N ASN A 42 -6.22 2.09 -0.46
CA ASN A 42 -7.61 1.67 -0.55
C ASN A 42 -7.77 0.21 -0.12
N ASN A 43 -7.08 -0.69 -0.82
CA ASN A 43 -7.15 -2.10 -0.44
C ASN A 43 -6.50 -2.31 0.92
N GLU A 44 -5.53 -1.49 1.27
CA GLU A 44 -4.95 -1.57 2.61
C GLU A 44 -6.00 -1.26 3.67
N GLY A 45 -6.85 -0.28 3.41
CA GLY A 45 -7.94 -0.02 4.33
C GLY A 45 -8.95 -1.14 4.35
N ARG A 46 -9.29 -1.66 3.18
CA ARG A 46 -10.20 -2.80 3.14
C ARG A 46 -9.60 -3.96 3.93
N ARG A 47 -8.27 -4.10 3.93
CA ARG A 47 -7.61 -5.01 4.86
C ARG A 47 -7.89 -4.60 6.30
N SER A 48 -7.46 -3.39 6.66
CA SER A 48 -7.40 -2.99 8.06
C SER A 48 -8.76 -3.12 8.72
N LYS A 49 -9.82 -2.74 8.02
CA LYS A 49 -11.16 -2.93 8.57
C LYS A 49 -11.51 -4.41 8.71
N ARG A 50 -11.08 -5.26 7.77
CA ARG A 50 -11.29 -6.70 7.96
C ARG A 50 -10.54 -7.19 9.19
N GLY A 51 -9.33 -6.72 9.36
CA GLY A 51 -8.52 -7.03 10.49
C GLY A 51 -9.27 -6.69 11.74
N ALA A 52 -9.71 -5.43 11.85
CA ALA A 52 -10.47 -4.99 13.01
C ALA A 52 -11.75 -5.79 13.16
N ARG A 53 -12.34 -6.23 12.05
CA ARG A 53 -13.55 -7.04 12.12
C ARG A 53 -13.26 -8.34 12.85
N ARG A 54 -12.16 -9.01 12.49
CA ARG A 54 -11.80 -10.23 13.20
C ARG A 54 -11.40 -9.93 14.63
N LEU A 55 -10.73 -8.80 14.83
CA LEU A 55 -10.32 -8.40 16.17
C LEU A 55 -11.54 -8.31 17.08
N LYS A 56 -12.58 -7.65 16.60
CA LYS A 56 -13.82 -7.54 17.36
C LYS A 56 -14.52 -8.89 17.45
N ARG A 57 -14.49 -9.67 16.38
CA ARG A 57 -15.24 -10.92 16.31
C ARG A 57 -14.63 -11.99 17.19
N ARG A 58 -13.35 -11.87 17.52
CA ARG A 58 -12.71 -12.74 18.49
C ARG A 58 -12.64 -12.12 19.87
N ARG A 59 -12.60 -10.79 19.96
CA ARG A 59 -12.80 -10.13 21.24
C ARG A 59 -14.14 -10.52 21.82
N ARG A 60 -15.14 -10.68 20.96
CA ARG A 60 -16.45 -11.13 21.40
C ARG A 60 -16.44 -12.62 21.71
N HIS A 61 -15.61 -13.40 21.01
CA HIS A 61 -15.50 -14.81 21.38
C HIS A 61 -14.93 -14.95 22.77
N ARG A 62 -13.86 -14.22 23.05
CA ARG A 62 -13.30 -14.18 24.39
C ARG A 62 -14.32 -13.71 25.40
N ILE A 63 -15.31 -12.93 24.97
CA ILE A 63 -16.43 -12.60 25.83
C ILE A 63 -17.29 -13.84 26.04
N GLN A 64 -17.52 -14.59 24.96
CA GLN A 64 -18.42 -15.72 25.00
C GLN A 64 -17.95 -16.77 25.99
N ARG A 65 -16.66 -17.08 25.98
CA ARG A 65 -16.14 -18.13 26.85
C ARG A 65 -16.31 -17.74 28.31
N VAL A 66 -15.84 -16.56 28.67
CA VAL A 66 -15.94 -16.11 30.05
C VAL A 66 -17.40 -16.03 30.47
N LYS A 67 -18.27 -15.60 29.56
CA LYS A 67 -19.69 -15.50 29.87
C LYS A 67 -20.27 -16.87 30.20
N LYS A 68 -20.04 -17.84 29.31
CA LYS A 68 -20.66 -19.16 29.50
C LYS A 68 -20.11 -19.85 30.73
N LEU A 69 -18.80 -19.78 30.96
CA LEU A 69 -18.26 -20.46 32.13
C LEU A 69 -18.58 -19.72 33.43
N LEU A 70 -18.85 -18.40 33.35
CA LEU A 70 -19.41 -17.72 34.51
C LEU A 70 -20.81 -18.21 34.80
N PHE A 71 -21.62 -18.40 33.75
CA PHE A 71 -22.94 -18.99 33.93
C PHE A 71 -22.83 -20.41 34.49
N ASP A 72 -21.74 -21.10 34.16
CA ASP A 72 -21.65 -22.53 34.45
C ASP A 72 -21.52 -22.81 35.94
N TYR A 73 -20.46 -22.30 36.57
CA TYR A 73 -20.09 -22.69 37.92
C TYR A 73 -20.76 -21.85 39.00
N ASN A 74 -21.94 -21.31 38.70
CA ASN A 74 -22.71 -20.51 39.66
C ASN A 74 -21.89 -19.30 40.11
N LEU A 75 -21.59 -18.44 39.14
CA LEU A 75 -20.80 -17.24 39.38
C LEU A 75 -21.49 -15.97 38.90
N LEU A 76 -22.26 -16.04 37.82
CA LEU A 76 -22.85 -14.87 37.20
C LEU A 76 -24.30 -15.15 36.84
N THR A 77 -25.11 -14.10 36.84
CA THR A 77 -26.51 -14.22 36.42
C THR A 77 -27.01 -12.85 36.02
N ASP A 78 -28.11 -12.84 35.27
CA ASP A 78 -28.67 -11.60 34.76
C ASP A 78 -29.57 -10.93 35.80
N HIS A 79 -29.07 -10.79 37.03
CA HIS A 79 -29.80 -10.10 38.07
C HIS A 79 -28.95 -9.15 38.90
N SER A 80 -27.63 -9.15 38.73
CA SER A 80 -26.72 -8.41 39.58
C SER A 80 -26.05 -7.29 38.82
N GLU A 81 -25.50 -6.34 39.57
CA GLU A 81 -24.84 -5.17 39.00
C GLU A 81 -23.58 -5.57 38.25
N LEU A 82 -23.43 -5.06 37.04
CA LEU A 82 -22.28 -5.36 36.20
C LEU A 82 -21.29 -4.23 36.10
N SER A 83 -21.74 -2.99 36.23
CA SER A 83 -20.90 -1.81 36.12
C SER A 83 -20.71 -1.17 37.50
N GLY A 84 -19.49 -0.69 37.74
CA GLY A 84 -19.16 -0.07 39.01
C GLY A 84 -18.17 -0.84 39.86
N ILE A 85 -17.59 -1.92 39.34
CA ILE A 85 -16.62 -2.73 40.06
C ILE A 85 -15.25 -2.52 39.40
N ASN A 86 -14.27 -2.12 40.20
CA ASN A 86 -12.98 -1.72 39.65
C ASN A 86 -12.08 -2.94 39.51
N PRO A 87 -11.63 -3.27 38.29
CA PRO A 87 -10.77 -4.46 38.14
C PRO A 87 -9.35 -4.22 38.58
N TYR A 88 -8.86 -2.98 38.47
CA TYR A 88 -7.52 -2.68 38.92
C TYR A 88 -7.32 -3.08 40.37
N GLU A 89 -8.25 -2.70 41.25
CA GLU A 89 -8.20 -3.23 42.60
C GLU A 89 -8.53 -4.71 42.64
N ALA A 90 -9.38 -5.18 41.73
CA ALA A 90 -9.87 -6.55 41.79
C ALA A 90 -8.72 -7.55 41.68
N ARG A 91 -7.90 -7.41 40.65
CA ARG A 91 -6.85 -8.36 40.37
C ARG A 91 -5.68 -8.29 41.35
N VAL A 92 -5.55 -7.19 42.09
CA VAL A 92 -4.49 -7.06 43.07
C VAL A 92 -4.94 -7.52 44.44
N LYS A 93 -6.15 -7.15 44.85
CA LYS A 93 -6.73 -7.72 46.05
C LYS A 93 -6.98 -9.22 45.88
N GLY A 94 -7.00 -9.71 44.65
CA GLY A 94 -7.03 -11.15 44.47
C GLY A 94 -5.71 -11.84 44.65
N LEU A 95 -4.63 -11.10 44.92
CA LEU A 95 -3.34 -11.76 45.11
C LEU A 95 -3.34 -12.60 46.38
N SER A 96 -4.05 -12.18 47.43
CA SER A 96 -4.01 -12.95 48.67
C SER A 96 -5.39 -13.23 49.26
N GLN A 97 -6.35 -12.34 49.07
CA GLN A 97 -7.61 -12.43 49.79
C GLN A 97 -8.77 -12.70 48.82
N LYS A 98 -9.96 -12.86 49.41
CA LYS A 98 -11.12 -13.36 48.67
C LYS A 98 -11.58 -12.37 47.61
N LEU A 99 -12.10 -12.89 46.51
CA LEU A 99 -12.74 -12.10 45.47
C LEU A 99 -14.18 -12.55 45.28
N SER A 100 -15.08 -11.58 45.10
CA SER A 100 -16.50 -11.86 44.96
C SER A 100 -16.84 -12.26 43.52
N GLU A 101 -18.05 -12.78 43.34
CA GLU A 101 -18.44 -13.34 42.05
C GLU A 101 -18.40 -12.29 40.95
N GLU A 102 -19.08 -11.16 41.16
CA GLU A 102 -19.14 -10.14 40.12
C GLU A 102 -17.81 -9.43 39.96
N GLU A 103 -17.11 -9.17 41.06
CA GLU A 103 -15.77 -8.61 41.00
C GLU A 103 -14.80 -9.52 40.28
N PHE A 104 -14.82 -10.82 40.60
CA PHE A 104 -13.98 -11.76 39.88
C PHE A 104 -14.34 -11.80 38.41
N SER A 105 -15.64 -11.71 38.11
CA SER A 105 -16.09 -11.67 36.72
C SER A 105 -15.51 -10.45 36.01
N ALA A 106 -15.53 -9.29 36.69
CA ALA A 106 -14.98 -8.08 36.11
C ALA A 106 -13.49 -8.23 35.83
N ALA A 107 -12.75 -8.78 36.79
CA ALA A 107 -11.31 -8.94 36.62
C ALA A 107 -11.01 -9.88 35.46
N LEU A 108 -11.71 -11.01 35.40
CA LEU A 108 -11.49 -11.98 34.33
C LEU A 108 -11.86 -11.40 32.98
N LEU A 109 -12.97 -10.67 32.91
CA LEU A 109 -13.39 -10.06 31.65
C LEU A 109 -12.38 -9.01 31.19
N HIS A 110 -11.85 -8.22 32.12
CA HIS A 110 -10.84 -7.24 31.73
C HIS A 110 -9.59 -7.93 31.21
N LEU A 111 -9.14 -8.99 31.89
CA LEU A 111 -7.96 -9.68 31.39
C LEU A 111 -8.27 -10.53 30.17
N ALA A 112 -9.54 -10.67 29.80
CA ALA A 112 -9.85 -11.25 28.50
C ALA A 112 -9.82 -10.20 27.40
N LYS A 113 -10.26 -8.98 27.70
CA LYS A 113 -10.13 -7.88 26.74
C LYS A 113 -8.67 -7.58 26.44
N ARG A 114 -7.78 -7.90 27.36
CA ARG A 114 -6.38 -7.57 27.25
C ARG A 114 -5.55 -8.85 27.13
N ARG A 115 -4.66 -8.89 26.14
CA ARG A 115 -3.81 -10.07 25.97
C ARG A 115 -2.34 -9.77 25.75
N GLY A 116 -1.97 -8.59 25.28
CA GLY A 116 -0.58 -8.24 25.16
C GLY A 116 0.12 -9.02 24.03
N VAL A 117 1.38 -8.69 23.85
CA VAL A 117 2.12 -9.11 22.66
C VAL A 117 2.84 -10.42 22.92
N HIS A 118 2.78 -11.34 21.95
CA HIS A 118 3.46 -12.63 22.02
C HIS A 118 4.85 -12.60 21.42
N ASN A 119 5.03 -11.92 20.29
CA ASN A 119 6.27 -12.01 19.54
C ASN A 119 7.45 -11.35 20.24
N VAL A 120 7.33 -10.92 21.49
CA VAL A 120 8.45 -10.35 22.23
C VAL A 120 8.61 -11.10 23.55
N ASN A 121 8.28 -12.40 23.54
CA ASN A 121 8.21 -13.20 24.76
C ASN A 121 9.34 -12.89 25.75
N GLU A 122 10.57 -12.80 25.27
CA GLU A 122 11.74 -12.82 26.14
C GLU A 122 12.64 -11.62 25.89
N VAL A 123 12.05 -10.42 25.88
CA VAL A 123 12.82 -9.20 25.70
C VAL A 123 13.44 -8.80 27.04
N GLU A 124 14.75 -8.53 27.02
CA GLU A 124 15.48 -8.04 28.19
C GLU A 124 16.45 -6.97 27.69
N GLU A 125 16.08 -5.71 27.88
CA GLU A 125 16.87 -4.58 27.39
C GLU A 125 16.49 -3.35 28.21
N ASP A 126 17.33 -2.32 28.11
CA ASP A 126 17.02 -1.04 28.75
C ASP A 126 16.05 -0.27 27.85
N THR A 127 15.82 1.00 28.15
CA THR A 127 14.78 1.78 27.49
C THR A 127 15.29 3.18 27.18
N GLY A 128 14.98 3.66 25.97
CA GLY A 128 15.15 5.04 25.58
C GLY A 128 13.94 5.91 25.80
N ASN A 129 12.92 5.38 26.49
CA ASN A 129 11.68 6.10 26.80
C ASN A 129 11.00 6.63 25.55
N GLU A 130 11.01 5.83 24.50
CA GLU A 130 10.24 6.16 23.31
C GLU A 130 8.88 5.50 23.34
N LEU A 131 8.13 5.48 22.26
CA LEU A 131 6.77 4.96 22.25
C LEU A 131 6.66 3.52 21.76
N SER A 132 7.76 2.88 21.39
CA SER A 132 7.70 1.50 20.90
C SER A 132 7.33 0.55 22.03
N THR A 133 6.73 -0.57 21.67
CA THR A 133 6.21 -1.50 22.67
C THR A 133 7.29 -2.36 23.31
N LYS A 134 8.38 -2.63 22.60
CA LYS A 134 9.43 -3.48 23.17
C LYS A 134 10.08 -2.82 24.37
N GLU A 135 10.50 -1.56 24.21
CA GLU A 135 11.12 -0.84 25.31
C GLU A 135 10.15 -0.63 26.46
N GLN A 136 8.86 -0.48 26.17
CA GLN A 136 7.89 -0.29 27.24
C GLN A 136 7.64 -1.60 27.99
N ILE A 137 7.64 -2.73 27.29
CA ILE A 137 7.59 -4.01 28.00
C ILE A 137 8.86 -4.20 28.83
N SER A 138 10.00 -3.72 28.32
CA SER A 138 11.23 -3.77 29.11
C SER A 138 11.09 -2.98 30.40
N ARG A 139 10.52 -1.77 30.30
CA ARG A 139 10.26 -0.98 31.49
C ARG A 139 9.31 -1.70 32.43
N ASN A 140 8.25 -2.30 31.89
CA ASN A 140 7.29 -3.00 32.74
C ASN A 140 7.93 -4.15 33.48
N SER A 141 8.79 -4.91 32.79
CA SER A 141 9.49 -6.01 33.43
C SER A 141 10.45 -5.50 34.51
N LYS A 142 11.23 -4.47 34.18
CA LYS A 142 12.19 -3.94 35.15
C LYS A 142 11.50 -3.27 36.31
N ALA A 143 10.24 -2.85 36.13
CA ALA A 143 9.51 -2.25 37.23
C ALA A 143 8.78 -3.30 38.06
N LEU A 144 8.49 -4.46 37.48
CA LEU A 144 7.96 -5.55 38.30
C LEU A 144 9.09 -6.29 39.00
N GLU A 145 9.87 -7.05 38.23
CA GLU A 145 11.13 -7.69 38.63
C GLU A 145 10.94 -8.70 39.75
N GLU A 146 9.83 -8.59 40.48
CA GLU A 146 9.34 -9.62 41.39
C GLU A 146 7.83 -9.73 41.39
N LYS A 147 7.12 -8.69 40.97
CA LYS A 147 5.69 -8.55 41.14
C LYS A 147 4.98 -8.89 39.84
N TYR A 148 3.68 -8.62 39.81
CA TYR A 148 2.84 -8.89 38.66
C TYR A 148 2.25 -7.58 38.15
N VAL A 149 1.69 -7.64 36.94
CA VAL A 149 1.14 -6.44 36.32
C VAL A 149 0.06 -5.83 37.20
N ALA A 150 -0.66 -6.67 37.94
CA ALA A 150 -1.69 -6.16 38.84
C ALA A 150 -1.14 -5.09 39.76
N GLU A 151 0.01 -5.36 40.38
CA GLU A 151 0.56 -4.45 41.37
C GLU A 151 0.98 -3.12 40.74
N LEU A 152 1.68 -3.18 39.61
CA LEU A 152 2.11 -1.94 38.97
C LEU A 152 0.90 -1.11 38.53
N GLN A 153 -0.12 -1.78 37.98
CA GLN A 153 -1.31 -1.06 37.56
C GLN A 153 -1.99 -0.38 38.75
N LEU A 154 -2.23 -1.12 39.83
CA LEU A 154 -2.94 -0.56 40.95
C LEU A 154 -2.13 0.54 41.64
N GLU A 155 -0.80 0.39 41.68
CA GLU A 155 0.03 1.43 42.25
C GLU A 155 -0.04 2.70 41.42
N ARG A 156 0.04 2.58 40.09
CA ARG A 156 -0.09 3.75 39.25
C ARG A 156 -1.50 4.33 39.32
N LEU A 157 -2.48 3.54 39.75
CA LEU A 157 -3.82 4.07 40.00
C LEU A 157 -3.84 4.91 41.28
N LYS A 158 -3.49 4.29 42.40
CA LYS A 158 -3.58 4.95 43.70
C LYS A 158 -2.68 6.17 43.80
N LYS A 159 -1.50 6.14 43.21
CA LYS A 159 -0.56 7.23 43.35
C LYS A 159 -0.77 8.36 42.35
N ASP A 160 -0.62 8.10 41.05
CA ASP A 160 -0.69 9.15 40.05
C ASP A 160 -2.10 9.40 39.53
N GLY A 161 -2.79 8.35 39.11
CA GLY A 161 -4.18 8.48 38.72
C GLY A 161 -4.50 8.11 37.29
N GLU A 162 -3.71 8.55 36.32
CA GLU A 162 -3.92 8.12 34.93
C GLU A 162 -3.29 6.76 34.74
N VAL A 163 -4.07 5.84 34.18
CA VAL A 163 -3.78 4.41 34.27
C VAL A 163 -3.85 3.71 32.93
N ARG A 164 -3.90 4.43 31.82
CA ARG A 164 -3.95 3.85 30.49
C ARG A 164 -3.17 4.72 29.53
N GLY A 165 -3.18 4.33 28.27
CA GLY A 165 -2.31 4.92 27.29
C GLY A 165 -1.15 4.01 26.94
N SER A 166 -0.10 4.63 26.40
CA SER A 166 1.03 3.89 25.86
C SER A 166 1.74 3.05 26.92
N ILE A 167 1.38 3.19 28.19
CA ILE A 167 2.16 2.58 29.27
C ILE A 167 1.39 1.41 29.88
N ASN A 168 0.54 0.76 29.10
CA ASN A 168 -0.08 -0.48 29.55
C ASN A 168 0.23 -1.66 28.61
N ARG A 169 1.20 -1.52 27.72
CA ARG A 169 1.69 -2.64 26.94
C ARG A 169 2.60 -3.48 27.81
N PHE A 170 2.20 -4.73 28.06
CA PHE A 170 2.97 -5.59 28.96
C PHE A 170 3.20 -6.93 28.28
N LYS A 171 4.28 -7.59 28.69
CA LYS A 171 4.58 -8.91 28.18
C LYS A 171 3.41 -9.86 28.46
N THR A 172 3.06 -10.66 27.46
CA THR A 172 1.90 -11.54 27.58
C THR A 172 2.08 -12.52 28.72
N SER A 173 3.25 -13.17 28.80
CA SER A 173 3.47 -14.18 29.83
C SER A 173 3.32 -13.60 31.23
N ASP A 174 3.51 -12.29 31.39
CA ASP A 174 3.19 -11.67 32.67
C ASP A 174 1.70 -11.76 32.96
N TYR A 175 0.87 -11.43 31.98
CA TYR A 175 -0.57 -11.64 32.11
C TYR A 175 -0.86 -13.10 32.44
N VAL A 176 -0.14 -14.00 31.80
CA VAL A 176 -0.37 -15.42 32.05
C VAL A 176 -0.06 -15.76 33.49
N LYS A 177 1.08 -15.26 33.99
CA LYS A 177 1.48 -15.55 35.36
C LYS A 177 0.45 -15.03 36.35
N GLU A 178 0.04 -13.78 36.19
CA GLU A 178 -0.97 -13.24 37.11
C GLU A 178 -2.29 -13.96 36.95
N ALA A 179 -2.57 -14.47 35.75
CA ALA A 179 -3.74 -15.30 35.56
C ALA A 179 -3.66 -16.52 36.45
N LYS A 180 -2.53 -17.23 36.43
CA LYS A 180 -2.39 -18.36 37.35
C LYS A 180 -2.59 -17.88 38.79
N GLN A 181 -1.97 -16.76 39.14
CA GLN A 181 -2.01 -16.30 40.52
C GLN A 181 -3.45 -16.13 40.98
N LEU A 182 -4.23 -15.36 40.23
CA LEU A 182 -5.59 -15.08 40.66
C LEU A 182 -6.47 -16.33 40.57
N LEU A 183 -6.25 -17.16 39.56
CA LEU A 183 -7.05 -18.38 39.42
C LEU A 183 -6.83 -19.31 40.60
N LYS A 184 -5.57 -19.52 40.98
CA LYS A 184 -5.30 -20.40 42.11
C LYS A 184 -5.72 -19.76 43.42
N VAL A 185 -5.73 -18.42 43.51
CA VAL A 185 -6.26 -17.81 44.72
C VAL A 185 -7.76 -18.06 44.84
N GLN A 186 -8.50 -17.88 43.75
CA GLN A 186 -9.93 -18.11 43.77
C GLN A 186 -10.32 -19.57 43.72
N LYS A 187 -9.34 -20.47 43.56
CA LYS A 187 -9.62 -21.90 43.55
C LYS A 187 -10.39 -22.35 44.78
N ALA A 188 -9.90 -22.01 45.98
CA ALA A 188 -10.47 -22.52 47.22
C ALA A 188 -11.47 -21.57 47.85
N TYR A 189 -12.16 -20.75 47.04
CA TYR A 189 -13.12 -19.80 47.57
C TYR A 189 -14.57 -20.11 47.19
N HIS A 190 -14.80 -20.87 46.14
CA HIS A 190 -16.14 -21.17 45.66
C HIS A 190 -16.17 -22.63 45.21
N GLN A 191 -17.20 -23.00 44.45
CA GLN A 191 -17.33 -24.36 43.95
C GLN A 191 -16.39 -24.58 42.76
N LEU A 192 -15.10 -24.33 42.97
CA LEU A 192 -14.07 -24.49 41.96
C LEU A 192 -13.06 -25.48 42.48
N ASP A 193 -12.89 -26.61 41.78
CA ASP A 193 -12.04 -27.67 42.29
C ASP A 193 -10.79 -27.93 41.45
N GLN A 194 -10.94 -28.37 40.20
CA GLN A 194 -9.73 -28.63 39.42
C GLN A 194 -9.81 -28.08 38.00
N SER A 195 -10.97 -28.20 37.36
CA SER A 195 -11.06 -27.89 35.93
C SER A 195 -10.95 -26.39 35.68
N PHE A 196 -11.57 -25.59 36.55
CA PHE A 196 -11.69 -24.15 36.35
C PHE A 196 -10.34 -23.48 36.14
N ILE A 197 -9.26 -24.03 36.71
CA ILE A 197 -7.96 -23.40 36.60
C ILE A 197 -7.45 -23.44 35.16
N ASP A 198 -7.74 -24.50 34.42
CA ASP A 198 -7.05 -24.73 33.15
C ASP A 198 -7.72 -24.00 31.98
N THR A 199 -8.99 -24.33 31.73
CA THR A 199 -9.59 -24.05 30.43
C THR A 199 -9.50 -22.58 30.03
N TYR A 200 -9.64 -21.65 30.98
CA TYR A 200 -9.46 -20.24 30.65
C TYR A 200 -8.11 -19.99 30.01
N ILE A 201 -7.02 -20.25 30.75
CA ILE A 201 -5.71 -19.90 30.21
C ILE A 201 -5.47 -20.63 28.91
N ASP A 202 -5.86 -21.91 28.87
CA ASP A 202 -5.79 -22.68 27.63
C ASP A 202 -6.48 -21.93 26.50
N LEU A 203 -7.71 -21.49 26.75
CA LEU A 203 -8.40 -20.63 25.80
C LEU A 203 -7.84 -19.22 25.77
N LEU A 204 -7.40 -18.68 26.91
CA LEU A 204 -6.83 -17.34 26.89
C LEU A 204 -5.50 -17.30 26.18
N GLU A 205 -4.90 -18.46 25.90
CA GLU A 205 -3.68 -18.53 25.13
C GLU A 205 -3.92 -18.93 23.69
N THR A 206 -5.16 -19.09 23.29
CA THR A 206 -5.46 -19.41 21.89
C THR A 206 -5.09 -18.25 20.98
N ARG A 207 -4.72 -18.58 19.75
CA ARG A 207 -4.24 -17.61 18.79
C ARG A 207 -4.19 -18.26 17.42
N ARG A 208 -4.50 -17.48 16.38
CA ARG A 208 -4.38 -17.93 15.00
C ARG A 208 -3.05 -17.47 14.43
N THR A 209 -2.37 -18.37 13.74
CA THR A 209 -1.03 -18.10 13.24
C THR A 209 -1.10 -17.44 11.87
N TYR A 210 0.03 -16.84 11.46
CA TYR A 210 0.07 -16.08 10.23
C TYR A 210 -0.10 -16.95 8.99
N TYR A 211 -0.32 -18.24 9.14
CA TYR A 211 -0.54 -19.11 8.01
C TYR A 211 -1.75 -20.03 8.19
N GLU A 212 -2.47 -19.93 9.30
CA GLU A 212 -3.72 -20.67 9.41
C GLU A 212 -4.74 -20.16 8.41
N GLY A 213 -4.71 -18.85 8.13
CA GLY A 213 -5.62 -18.25 7.17
C GLY A 213 -6.91 -17.76 7.79
N PRO A 214 -7.71 -17.10 6.99
CA PRO A 214 -9.04 -16.67 7.44
C PRO A 214 -9.97 -17.88 7.45
N GLY A 215 -11.25 -17.61 7.71
CA GLY A 215 -12.24 -18.66 7.83
C GLY A 215 -12.57 -19.41 6.56
N GLU A 216 -13.61 -20.23 6.62
CA GLU A 216 -13.95 -21.10 5.50
C GLU A 216 -14.40 -20.31 4.28
N GLY A 217 -15.35 -19.40 4.44
CA GLY A 217 -15.92 -18.69 3.31
C GLY A 217 -14.99 -17.74 2.61
N SER A 218 -13.71 -17.77 2.93
CA SER A 218 -12.79 -16.75 2.45
C SER A 218 -12.74 -16.75 0.93
N PRO A 219 -12.85 -15.58 0.29
CA PRO A 219 -12.49 -15.45 -1.12
C PRO A 219 -11.02 -15.13 -1.31
N PHE A 220 -10.20 -15.28 -0.27
CA PHE A 220 -8.76 -15.09 -0.37
C PHE A 220 -7.96 -16.21 0.26
N GLY A 221 -8.62 -17.20 0.85
CA GLY A 221 -7.92 -18.24 1.58
C GLY A 221 -7.79 -19.58 0.88
N TRP A 222 -8.18 -20.64 1.60
CA TRP A 222 -7.96 -22.02 1.21
C TRP A 222 -8.74 -22.95 2.12
N LYS A 223 -9.37 -23.96 1.52
CA LYS A 223 -10.17 -24.95 2.24
C LYS A 223 -9.32 -25.94 3.03
N ASP A 224 -8.08 -26.17 2.62
CA ASP A 224 -7.26 -27.18 3.26
C ASP A 224 -5.89 -26.59 3.56
N ILE A 225 -5.23 -27.16 4.57
CA ILE A 225 -3.91 -26.68 4.97
C ILE A 225 -2.91 -26.88 3.83
N LYS A 226 -2.76 -28.13 3.37
CA LYS A 226 -1.75 -28.42 2.35
C LYS A 226 -2.10 -27.80 1.01
N GLU A 227 -3.32 -27.28 0.85
CA GLU A 227 -3.74 -26.72 -0.43
C GLU A 227 -2.86 -25.53 -0.82
N TRP A 228 -2.69 -24.58 0.10
CA TRP A 228 -1.96 -23.37 -0.26
C TRP A 228 -0.47 -23.58 -0.19
N TYR A 229 -0.03 -24.65 0.47
CA TYR A 229 1.32 -25.16 0.31
C TYR A 229 1.46 -25.79 -1.06
N GLU A 230 0.43 -25.66 -1.88
CA GLU A 230 0.52 -25.99 -3.29
C GLU A 230 -0.15 -24.92 -4.15
N MET A 231 -0.32 -23.72 -3.61
CA MET A 231 -0.91 -22.61 -4.35
C MET A 231 -0.07 -21.34 -4.32
N LEU A 232 0.59 -21.05 -3.21
CA LEU A 232 1.37 -19.83 -3.12
C LEU A 232 2.51 -19.81 -4.12
N MET A 233 3.20 -20.95 -4.28
CA MET A 233 4.38 -21.00 -5.14
C MET A 233 3.99 -20.93 -6.61
N GLY A 234 5.00 -20.77 -7.46
CA GLY A 234 4.80 -20.80 -8.88
C GLY A 234 4.85 -22.21 -9.45
N HIS A 235 4.83 -22.27 -10.77
CA HIS A 235 4.91 -23.53 -11.50
C HIS A 235 6.27 -23.66 -12.19
N CYS A 236 6.50 -24.82 -12.79
CA CYS A 236 7.72 -25.04 -13.56
C CYS A 236 7.77 -24.11 -14.75
N THR A 237 8.98 -23.75 -15.17
CA THR A 237 9.11 -22.89 -16.34
C THR A 237 9.00 -23.68 -17.64
N TYR A 238 9.85 -24.69 -17.82
CA TYR A 238 9.87 -25.46 -19.05
C TYR A 238 8.80 -26.53 -19.10
N PHE A 239 8.16 -26.83 -17.97
CA PHE A 239 7.04 -27.77 -17.90
C PHE A 239 5.89 -27.11 -17.16
N PRO A 240 5.23 -26.11 -17.78
CA PRO A 240 4.24 -25.32 -17.04
C PRO A 240 2.99 -26.12 -16.72
N GLU A 241 3.16 -27.29 -16.11
CA GLU A 241 2.05 -28.06 -15.58
C GLU A 241 2.34 -28.65 -14.20
N GLU A 242 3.60 -28.82 -13.81
CA GLU A 242 3.97 -29.40 -12.53
C GLU A 242 4.64 -28.34 -11.66
N LEU A 243 4.46 -28.49 -10.35
CA LEU A 243 4.88 -27.48 -9.40
C LEU A 243 6.42 -27.39 -9.35
N ARG A 244 6.90 -26.31 -8.75
CA ARG A 244 8.33 -26.13 -8.54
C ARG A 244 8.80 -27.02 -7.40
N SER A 245 10.04 -26.84 -6.98
CA SER A 245 10.57 -27.56 -5.83
C SER A 245 11.44 -26.62 -5.00
N VAL A 246 11.82 -27.08 -3.82
CA VAL A 246 12.37 -26.21 -2.80
C VAL A 246 13.78 -25.76 -3.17
N LYS A 247 14.24 -24.70 -2.49
CA LYS A 247 15.56 -24.16 -2.77
C LYS A 247 16.68 -25.08 -2.32
N TYR A 248 16.44 -25.95 -1.34
CA TYR A 248 17.46 -26.81 -0.78
C TYR A 248 17.07 -28.27 -0.86
N ALA A 249 16.56 -28.71 -2.01
CA ALA A 249 16.33 -30.12 -2.24
C ALA A 249 17.64 -30.82 -2.55
N TYR A 250 17.81 -32.03 -2.01
CA TYR A 250 19.10 -32.72 -2.14
C TYR A 250 19.52 -32.88 -3.58
N ASN A 251 18.64 -33.41 -4.44
CA ASN A 251 19.03 -33.55 -5.83
C ASN A 251 19.12 -32.19 -6.51
N ALA A 252 18.40 -31.19 -6.00
CA ALA A 252 18.62 -29.83 -6.48
C ALA A 252 20.01 -29.35 -6.08
N ASP A 253 20.45 -29.70 -4.88
CA ASP A 253 21.81 -29.34 -4.48
C ASP A 253 22.85 -30.10 -5.29
N LEU A 254 22.53 -31.34 -5.66
CA LEU A 254 23.39 -32.06 -6.59
C LEU A 254 23.46 -31.34 -7.92
N TYR A 255 22.31 -30.84 -8.39
CA TYR A 255 22.24 -30.00 -9.59
C TYR A 255 23.19 -28.82 -9.48
N ASN A 256 23.12 -28.09 -8.37
CA ASN A 256 23.93 -26.89 -8.21
C ASN A 256 25.41 -27.23 -8.10
N ALA A 257 25.72 -28.32 -7.38
CA ALA A 257 27.12 -28.75 -7.26
C ALA A 257 27.67 -29.13 -8.62
N LEU A 258 26.90 -29.88 -9.41
CA LEU A 258 27.34 -30.22 -10.75
C LEU A 258 27.45 -28.99 -11.63
N ASN A 259 26.64 -27.96 -11.38
CA ASN A 259 26.80 -26.70 -12.10
C ASN A 259 28.14 -26.07 -11.77
N ASP A 260 28.49 -25.98 -10.49
CA ASP A 260 29.76 -25.42 -10.08
C ASP A 260 30.95 -26.28 -10.51
N LEU A 261 30.73 -27.57 -10.74
CA LEU A 261 31.83 -28.46 -11.15
C LEU A 261 32.01 -28.52 -12.66
N ASN A 262 30.93 -28.40 -13.43
CA ASN A 262 30.97 -28.50 -14.88
C ASN A 262 31.20 -27.15 -15.56
N ASN A 263 31.44 -26.10 -14.78
CA ASN A 263 31.78 -24.78 -15.31
C ASN A 263 33.20 -24.38 -14.96
N LEU A 264 34.03 -25.31 -14.48
CA LEU A 264 35.34 -24.98 -13.97
C LEU A 264 36.35 -24.81 -15.10
N VAL A 265 37.46 -24.13 -14.77
CA VAL A 265 38.51 -23.80 -15.72
C VAL A 265 39.80 -24.43 -15.21
N ILE A 266 40.45 -25.23 -16.05
CA ILE A 266 41.71 -25.87 -15.72
C ILE A 266 42.69 -25.61 -16.86
N THR A 267 43.93 -25.23 -16.50
CA THR A 267 44.97 -24.92 -17.48
C THR A 267 46.01 -26.03 -17.60
N ARG A 268 45.59 -27.29 -17.50
CA ARG A 268 46.50 -28.42 -17.63
C ARG A 268 46.58 -28.84 -19.10
N ASP A 269 47.40 -29.86 -19.36
CA ASP A 269 47.61 -30.38 -20.71
C ASP A 269 46.58 -31.43 -21.09
N GLU A 270 45.42 -31.45 -20.43
CA GLU A 270 44.36 -32.38 -20.74
C GLU A 270 43.06 -31.62 -21.00
N ASN A 271 41.94 -32.33 -21.03
CA ASN A 271 40.63 -31.71 -21.23
C ASN A 271 40.47 -30.49 -20.32
N GLU A 272 39.83 -29.45 -20.85
CA GLU A 272 39.69 -28.20 -20.12
C GLU A 272 38.91 -28.39 -18.82
N LYS A 273 37.84 -29.17 -18.85
CA LYS A 273 36.97 -29.36 -17.71
C LYS A 273 37.13 -30.78 -17.15
N LEU A 274 36.51 -30.99 -15.99
CA LEU A 274 36.70 -32.22 -15.25
C LEU A 274 36.06 -33.40 -15.95
N GLU A 275 36.63 -34.58 -15.75
CA GLU A 275 36.09 -35.81 -16.29
C GLU A 275 34.98 -36.33 -15.38
N TYR A 276 34.41 -37.48 -15.74
CA TYR A 276 33.39 -38.09 -14.87
C TYR A 276 34.01 -38.65 -13.60
N TYR A 277 35.12 -39.39 -13.74
CA TYR A 277 35.75 -39.98 -12.56
C TYR A 277 36.30 -38.90 -11.63
N GLU A 278 36.90 -37.84 -12.21
CA GLU A 278 37.38 -36.73 -11.39
C GLU A 278 36.23 -36.12 -10.60
N LYS A 279 35.10 -35.86 -11.25
CA LYS A 279 33.97 -35.26 -10.56
C LYS A 279 33.41 -36.19 -9.50
N PHE A 280 33.33 -37.48 -9.79
CA PHE A 280 32.80 -38.43 -8.80
C PHE A 280 33.70 -38.49 -7.58
N GLN A 281 35.02 -38.50 -7.80
CA GLN A 281 35.95 -38.45 -6.67
C GLN A 281 35.76 -37.17 -5.88
N ILE A 282 35.56 -36.05 -6.57
CA ILE A 282 35.29 -34.79 -5.87
C ILE A 282 34.06 -34.91 -4.98
N ILE A 283 32.97 -35.43 -5.53
CA ILE A 283 31.70 -35.41 -4.78
C ILE A 283 31.76 -36.38 -3.61
N GLU A 284 32.50 -37.48 -3.75
CA GLU A 284 32.57 -38.43 -2.63
C GLU A 284 33.75 -38.17 -1.70
N ASN A 285 34.62 -37.22 -2.00
CA ASN A 285 35.77 -36.95 -1.14
C ASN A 285 35.81 -35.55 -0.55
N VAL A 286 35.13 -34.56 -1.15
CA VAL A 286 35.25 -33.19 -0.70
C VAL A 286 33.89 -32.64 -0.27
N PHE A 287 32.92 -32.67 -1.18
CA PHE A 287 31.63 -32.04 -0.90
C PHE A 287 30.87 -32.78 0.20
N LYS A 288 30.81 -34.11 0.12
CA LYS A 288 30.10 -34.90 1.11
C LYS A 288 30.80 -34.93 2.46
N GLN A 289 32.05 -34.45 2.55
CA GLN A 289 32.82 -34.59 3.77
C GLN A 289 32.99 -33.30 4.56
N LYS A 290 33.07 -32.15 3.89
CA LYS A 290 33.28 -30.88 4.58
C LYS A 290 32.17 -29.91 4.23
N LYS A 291 31.76 -29.12 5.22
CA LYS A 291 30.61 -28.23 5.06
C LYS A 291 30.80 -27.30 3.87
N LYS A 292 31.81 -26.43 3.95
CA LYS A 292 32.12 -25.55 2.84
C LYS A 292 33.35 -26.10 2.13
N PRO A 293 33.22 -26.62 0.90
CA PRO A 293 34.39 -27.21 0.22
C PRO A 293 35.40 -26.14 -0.15
N THR A 294 36.54 -26.16 0.54
CA THR A 294 37.59 -25.18 0.31
C THR A 294 38.32 -25.49 -0.99
N LEU A 295 38.71 -24.44 -1.72
CA LEU A 295 39.50 -24.62 -2.92
C LEU A 295 40.83 -25.31 -2.60
N LYS A 296 41.35 -25.09 -1.39
CA LYS A 296 42.60 -25.74 -1.00
C LYS A 296 42.44 -27.24 -0.81
N GLN A 297 41.23 -27.72 -0.52
CA GLN A 297 41.00 -29.15 -0.35
C GLN A 297 40.43 -29.82 -1.58
N ILE A 298 40.25 -29.09 -2.68
CA ILE A 298 39.65 -29.68 -3.87
C ILE A 298 40.70 -30.18 -4.87
N ALA A 299 41.88 -29.55 -4.93
CA ALA A 299 42.88 -29.93 -5.91
C ALA A 299 43.54 -31.27 -5.59
N LYS A 300 43.34 -31.79 -4.39
CA LYS A 300 44.05 -33.00 -3.97
C LYS A 300 43.46 -34.28 -4.54
N GLU A 301 42.28 -34.22 -5.15
CA GLU A 301 41.69 -35.41 -5.76
C GLU A 301 41.97 -35.53 -7.25
N ILE A 302 42.36 -34.44 -7.91
CA ILE A 302 42.67 -34.45 -9.33
C ILE A 302 44.12 -34.13 -9.62
N LEU A 303 44.93 -33.89 -8.60
CA LEU A 303 46.38 -33.68 -8.75
C LEU A 303 46.69 -32.53 -9.69
N VAL A 304 46.02 -31.40 -9.50
CA VAL A 304 46.32 -30.19 -10.24
C VAL A 304 46.83 -29.14 -9.27
N ASN A 305 47.19 -27.96 -9.79
CA ASN A 305 47.64 -26.88 -8.93
C ASN A 305 46.52 -26.47 -7.97
N GLU A 306 46.91 -26.01 -6.79
CA GLU A 306 45.92 -25.61 -5.79
C GLU A 306 45.21 -24.34 -6.18
N GLU A 307 45.78 -23.54 -7.08
CA GLU A 307 45.27 -22.21 -7.41
C GLU A 307 45.11 -22.05 -8.92
N ASP A 308 44.57 -23.06 -9.59
CA ASP A 308 44.25 -22.94 -11.01
C ASP A 308 42.82 -23.40 -11.32
N ILE A 309 41.91 -23.26 -10.37
CA ILE A 309 40.51 -23.64 -10.55
C ILE A 309 39.66 -22.38 -10.43
N LYS A 310 38.95 -22.04 -11.51
CA LYS A 310 38.08 -20.88 -11.55
C LYS A 310 36.78 -21.26 -12.23
N GLY A 311 35.85 -20.32 -12.28
CA GLY A 311 34.59 -20.54 -12.97
C GLY A 311 33.52 -21.22 -12.12
N TYR A 312 33.15 -20.58 -11.01
CA TYR A 312 32.18 -21.16 -10.09
C TYR A 312 31.43 -20.04 -9.38
N ARG A 313 30.53 -20.43 -8.49
CA ARG A 313 29.78 -19.48 -7.69
C ARG A 313 30.42 -19.34 -6.30
N VAL A 314 30.01 -18.29 -5.58
CA VAL A 314 30.58 -17.95 -4.30
C VAL A 314 29.48 -17.98 -3.24
N THR A 315 29.90 -17.94 -1.98
CA THR A 315 28.97 -17.92 -0.86
C THR A 315 28.64 -16.47 -0.49
N SER A 316 27.92 -16.29 0.62
CA SER A 316 27.38 -14.98 0.98
C SER A 316 28.47 -13.98 1.35
N THR A 317 29.60 -14.43 1.88
CA THR A 317 30.62 -13.53 2.38
C THR A 317 31.38 -12.81 1.29
N GLY A 318 31.04 -13.05 0.02
CA GLY A 318 31.78 -12.46 -1.08
C GLY A 318 33.09 -13.13 -1.40
N LYS A 319 33.42 -14.23 -0.71
CA LYS A 319 34.62 -15.01 -0.94
C LYS A 319 34.30 -16.21 -1.83
N PRO A 320 35.26 -16.66 -2.64
CA PRO A 320 35.03 -17.84 -3.46
C PRO A 320 34.83 -19.09 -2.63
N GLU A 321 33.61 -19.63 -2.66
CA GLU A 321 33.28 -20.84 -1.91
C GLU A 321 32.08 -21.50 -2.57
N PHE A 322 32.18 -22.81 -2.76
CA PHE A 322 31.24 -23.52 -3.62
C PHE A 322 29.88 -23.67 -2.94
N THR A 323 28.91 -24.12 -3.73
CA THR A 323 27.56 -24.35 -3.22
C THR A 323 27.55 -25.56 -2.30
N ASN A 324 27.20 -25.33 -1.04
CA ASN A 324 27.28 -26.37 -0.03
C ASN A 324 26.16 -27.38 -0.21
N LEU A 325 26.47 -28.66 0.00
CA LEU A 325 25.45 -29.70 0.10
C LEU A 325 24.83 -29.61 1.49
N LYS A 326 24.03 -28.56 1.67
CA LYS A 326 23.68 -28.11 3.02
C LYS A 326 22.94 -29.18 3.80
N VAL A 327 21.97 -29.85 3.18
CA VAL A 327 21.22 -30.87 3.90
C VAL A 327 22.08 -32.08 4.20
N TYR A 328 23.02 -32.42 3.32
CA TYR A 328 23.79 -33.65 3.47
C TYR A 328 24.59 -33.64 4.77
N HIS A 329 25.36 -32.58 5.01
CA HIS A 329 26.11 -32.48 6.25
C HIS A 329 25.16 -32.40 7.44
N ASP A 330 24.12 -31.57 7.35
CA ASP A 330 23.30 -31.29 8.51
C ASP A 330 22.60 -32.55 8.99
N ILE A 331 22.16 -33.41 8.06
CA ILE A 331 21.68 -34.73 8.47
C ILE A 331 22.85 -35.61 8.89
N LYS A 332 24.01 -35.44 8.27
CA LYS A 332 25.19 -36.22 8.64
C LYS A 332 25.74 -35.78 9.99
N ASP A 333 25.73 -34.47 10.26
CA ASP A 333 26.28 -33.96 11.50
C ASP A 333 25.50 -34.45 12.72
N ILE A 334 24.29 -34.96 12.51
CA ILE A 334 23.53 -35.55 13.61
C ILE A 334 23.16 -37.00 13.36
N THR A 335 23.32 -37.52 12.14
CA THR A 335 22.99 -38.91 11.84
C THR A 335 24.03 -39.46 10.88
N ALA A 336 24.84 -40.40 11.36
CA ALA A 336 25.80 -41.11 10.52
C ALA A 336 25.25 -42.41 9.97
N ARG A 337 24.02 -42.78 10.32
CA ARG A 337 23.45 -44.04 9.88
C ARG A 337 23.22 -44.03 8.38
N LYS A 338 23.68 -45.08 7.70
CA LYS A 338 23.89 -45.04 6.25
C LYS A 338 22.67 -45.46 5.44
N GLU A 339 21.66 -46.08 6.06
CA GLU A 339 20.52 -46.54 5.29
C GLU A 339 19.69 -45.40 4.69
N ILE A 340 19.78 -44.20 5.24
CA ILE A 340 19.02 -43.06 4.76
C ILE A 340 19.88 -42.13 3.92
N ILE A 341 21.06 -41.75 4.44
CA ILE A 341 21.93 -40.81 3.74
C ILE A 341 22.39 -41.36 2.39
N GLU A 342 22.20 -42.66 2.16
CA GLU A 342 22.47 -43.27 0.86
C GLU A 342 21.26 -43.24 -0.07
N ASN A 343 20.15 -42.63 0.35
CA ASN A 343 18.93 -42.58 -0.45
C ASN A 343 18.68 -41.13 -0.85
N ALA A 344 18.75 -40.85 -2.15
CA ALA A 344 18.55 -39.48 -2.62
C ALA A 344 17.08 -39.06 -2.62
N GLU A 345 16.17 -39.98 -2.93
CA GLU A 345 14.77 -39.62 -3.06
C GLU A 345 14.14 -39.24 -1.72
N LEU A 346 14.34 -40.06 -0.68
CA LEU A 346 13.82 -39.71 0.63
C LEU A 346 14.48 -38.45 1.16
N LEU A 347 15.74 -38.21 0.78
CA LEU A 347 16.41 -37.00 1.23
C LEU A 347 15.83 -35.77 0.54
N ASP A 348 15.47 -35.89 -0.73
CA ASP A 348 14.74 -34.82 -1.40
C ASP A 348 13.40 -34.56 -0.73
N GLN A 349 12.69 -35.63 -0.36
CA GLN A 349 11.42 -35.47 0.33
C GLN A 349 11.61 -34.74 1.65
N ILE A 350 12.65 -35.10 2.39
CA ILE A 350 12.96 -34.44 3.66
C ILE A 350 13.20 -32.96 3.42
N ALA A 351 13.97 -32.63 2.38
CA ALA A 351 14.24 -31.23 2.08
C ALA A 351 12.96 -30.47 1.76
N LYS A 352 12.10 -31.06 0.94
CA LYS A 352 10.84 -30.41 0.58
C LYS A 352 10.00 -30.16 1.82
N ILE A 353 9.89 -31.15 2.70
CA ILE A 353 9.10 -30.98 3.91
C ILE A 353 9.71 -29.89 4.78
N LEU A 354 11.03 -29.92 4.95
CA LEU A 354 11.70 -28.89 5.73
C LEU A 354 11.45 -27.49 5.20
N THR A 355 11.24 -27.35 3.89
CA THR A 355 11.04 -26.02 3.31
C THR A 355 9.58 -25.57 3.34
N ILE A 356 8.65 -26.42 2.92
CA ILE A 356 7.28 -25.96 2.71
C ILE A 356 6.51 -25.82 4.01
N TYR A 357 7.16 -26.08 5.14
CA TYR A 357 6.56 -25.78 6.43
C TYR A 357 7.57 -25.04 7.29
N GLN A 358 7.07 -24.35 8.31
CA GLN A 358 7.92 -23.69 9.30
C GLN A 358 7.52 -24.05 10.73
N SER A 359 6.43 -24.78 10.92
CA SER A 359 6.05 -25.23 12.24
C SER A 359 6.99 -26.32 12.73
N SER A 360 7.30 -26.27 14.03
CA SER A 360 8.20 -27.26 14.61
C SER A 360 7.47 -28.56 14.98
N GLU A 361 6.17 -28.64 14.76
CA GLU A 361 5.43 -29.87 15.01
C GLU A 361 4.83 -30.48 13.76
N ASP A 362 4.57 -29.69 12.71
CA ASP A 362 4.10 -30.26 11.46
C ASP A 362 5.20 -31.01 10.74
N ILE A 363 6.44 -30.51 10.79
CA ILE A 363 7.57 -31.19 10.17
C ILE A 363 7.79 -32.55 10.83
N GLN A 364 7.57 -32.64 12.14
CA GLN A 364 7.65 -33.92 12.83
C GLN A 364 6.70 -34.94 12.21
N GLU A 365 5.44 -34.58 12.08
CA GLU A 365 4.45 -35.50 11.52
C GLU A 365 4.76 -35.83 10.07
N GLU A 366 5.18 -34.84 9.29
CA GLU A 366 5.39 -35.10 7.88
C GLU A 366 6.67 -35.89 7.63
N LEU A 367 7.62 -35.86 8.57
CA LEU A 367 8.76 -36.78 8.50
C LEU A 367 8.38 -38.18 8.97
N THR A 368 7.51 -38.30 9.96
CA THR A 368 6.99 -39.62 10.30
C THR A 368 6.16 -40.21 9.17
N ASN A 369 5.61 -39.36 8.30
CA ASN A 369 4.81 -39.82 7.17
C ASN A 369 5.65 -40.21 5.96
N LEU A 370 6.98 -40.08 6.03
CA LEU A 370 7.85 -40.51 4.94
C LEU A 370 8.27 -41.96 5.05
N ASN A 371 7.77 -42.69 6.05
CA ASN A 371 8.03 -44.10 6.31
C ASN A 371 9.48 -44.51 6.07
N SER A 372 10.42 -43.65 6.46
CA SER A 372 11.84 -43.93 6.30
C SER A 372 12.29 -44.86 7.43
N GLU A 373 13.61 -45.03 7.57
CA GLU A 373 14.17 -45.93 8.57
C GLU A 373 14.58 -45.22 9.86
N LEU A 374 14.03 -44.04 10.13
CA LEU A 374 14.41 -43.27 11.30
C LEU A 374 13.62 -43.71 12.52
N THR A 375 14.02 -43.17 13.68
CA THR A 375 13.33 -43.36 14.94
C THR A 375 12.91 -42.01 15.51
N GLN A 376 12.15 -42.06 16.60
CA GLN A 376 11.71 -40.84 17.26
C GLN A 376 12.90 -40.02 17.75
N GLU A 377 13.91 -40.71 18.29
CA GLU A 377 15.11 -40.05 18.80
C GLU A 377 15.72 -39.11 17.79
N GLU A 378 15.83 -39.55 16.52
CA GLU A 378 16.40 -38.68 15.51
C GLU A 378 15.45 -37.60 15.03
N ILE A 379 14.16 -37.92 14.89
CA ILE A 379 13.25 -36.96 14.26
C ILE A 379 13.02 -35.77 15.19
N GLU A 380 12.96 -36.00 16.50
CA GLU A 380 12.85 -34.87 17.42
C GLU A 380 14.05 -33.93 17.31
N GLN A 381 15.16 -34.41 16.78
CA GLN A 381 16.31 -33.54 16.56
C GLN A 381 16.24 -32.89 15.18
N ILE A 382 15.84 -33.66 14.18
CA ILE A 382 15.90 -33.18 12.80
C ILE A 382 14.83 -32.14 12.55
N SER A 383 13.75 -32.16 13.33
CA SER A 383 12.66 -31.22 13.09
C SER A 383 13.02 -29.77 13.41
N ASN A 384 14.16 -29.51 14.04
CA ASN A 384 14.52 -28.17 14.49
C ASN A 384 15.67 -27.57 13.68
N LEU A 385 15.70 -27.81 12.38
CA LEU A 385 16.69 -27.15 11.54
C LEU A 385 16.17 -25.78 11.11
N LYS A 386 17.09 -24.89 10.78
CA LYS A 386 16.75 -23.50 10.49
C LYS A 386 17.39 -23.05 9.19
N GLY A 387 16.67 -22.20 8.46
CA GLY A 387 17.21 -21.57 7.27
C GLY A 387 16.99 -22.32 5.97
N TYR A 388 16.09 -23.32 5.96
CA TYR A 388 15.89 -24.16 4.79
C TYR A 388 14.55 -23.88 4.13
N THR A 389 14.13 -22.62 4.07
CA THR A 389 12.91 -22.23 3.39
C THR A 389 13.24 -21.50 2.09
N GLY A 390 12.26 -21.49 1.18
CA GLY A 390 12.44 -20.92 -0.13
C GLY A 390 12.36 -21.98 -1.22
N THR A 391 11.76 -21.63 -2.35
CA THR A 391 11.58 -22.58 -3.44
C THR A 391 12.51 -22.24 -4.60
N HIS A 392 12.90 -23.28 -5.33
CA HIS A 392 13.80 -23.11 -6.47
C HIS A 392 13.07 -23.40 -7.76
N ASN A 393 13.47 -22.68 -8.81
CA ASN A 393 12.61 -22.37 -9.95
C ASN A 393 12.31 -23.56 -10.86
N LEU A 394 12.87 -24.74 -10.62
CA LEU A 394 12.59 -25.89 -11.46
C LEU A 394 11.80 -26.94 -10.66
N SER A 395 11.58 -28.08 -11.28
CA SER A 395 10.87 -29.18 -10.66
C SER A 395 11.76 -30.41 -10.62
N LEU A 396 11.22 -31.51 -10.12
CA LEU A 396 11.94 -32.78 -10.12
C LEU A 396 12.18 -33.28 -11.55
N LYS A 397 11.15 -33.21 -12.38
CA LYS A 397 11.17 -33.84 -13.69
C LYS A 397 11.79 -32.96 -14.76
N ALA A 398 12.28 -31.78 -14.40
CA ALA A 398 13.21 -31.08 -15.28
C ALA A 398 14.65 -31.29 -14.84
N ILE A 399 14.87 -31.56 -13.56
CA ILE A 399 16.20 -31.92 -13.08
C ILE A 399 16.59 -33.31 -13.57
N ASN A 400 15.63 -34.25 -13.59
CA ASN A 400 15.96 -35.60 -14.02
C ASN A 400 16.38 -35.62 -15.49
N LEU A 401 15.68 -34.87 -16.34
CA LEU A 401 15.97 -34.89 -17.77
C LEU A 401 17.26 -34.14 -18.13
N ILE A 402 18.03 -33.72 -17.14
CA ILE A 402 19.34 -33.12 -17.39
C ILE A 402 20.42 -33.70 -16.48
N LEU A 403 20.05 -34.39 -15.41
CA LEU A 403 21.02 -34.89 -14.43
C LEU A 403 21.96 -35.93 -15.04
N ASP A 404 21.38 -36.94 -15.71
CA ASP A 404 22.15 -38.10 -16.11
C ASP A 404 23.30 -37.73 -17.04
N GLU A 405 23.03 -36.90 -18.06
CA GLU A 405 24.09 -36.51 -18.98
C GLU A 405 25.07 -35.52 -18.35
N LEU A 406 24.61 -34.74 -17.37
CA LEU A 406 25.51 -33.82 -16.68
C LEU A 406 26.63 -34.56 -15.97
N TRP A 407 26.41 -35.82 -15.60
CA TRP A 407 27.50 -36.66 -15.12
C TRP A 407 28.65 -36.69 -16.12
N HIS A 408 28.34 -36.83 -17.40
CA HIS A 408 29.31 -37.24 -18.40
C HIS A 408 29.98 -36.06 -19.10
N THR A 409 29.19 -35.23 -19.78
CA THR A 409 29.78 -34.14 -20.55
C THR A 409 30.15 -32.98 -19.63
N ASN A 410 30.61 -31.89 -20.24
CA ASN A 410 31.08 -30.71 -19.52
C ASN A 410 30.43 -29.44 -20.05
N ASP A 411 29.14 -29.51 -20.38
CA ASP A 411 28.40 -28.37 -20.89
C ASP A 411 27.78 -27.59 -19.73
N ASN A 412 26.88 -26.66 -20.03
CA ASN A 412 26.33 -25.75 -19.01
C ASN A 412 24.81 -25.69 -19.11
N GLN A 413 24.15 -26.60 -18.41
CA GLN A 413 22.72 -26.48 -18.09
C GLN A 413 21.79 -26.31 -19.29
N ILE A 414 21.40 -25.07 -19.57
CA ILE A 414 20.18 -24.83 -20.35
C ILE A 414 20.29 -25.42 -21.75
N ALA A 415 21.51 -25.53 -22.27
CA ALA A 415 21.70 -26.12 -23.60
C ALA A 415 21.01 -27.47 -23.70
N ILE A 416 21.12 -28.29 -22.66
CA ILE A 416 20.50 -29.61 -22.68
C ILE A 416 18.99 -29.49 -22.84
N PHE A 417 18.37 -28.56 -22.11
CA PHE A 417 16.94 -28.37 -22.23
C PHE A 417 16.57 -27.98 -23.66
N ASN A 418 17.47 -27.30 -24.37
CA ASN A 418 17.22 -26.97 -25.76
C ASN A 418 17.40 -28.17 -26.68
N ARG A 419 18.30 -29.09 -26.34
CA ARG A 419 18.48 -30.29 -27.17
C ARG A 419 17.25 -31.18 -27.10
N LEU A 420 16.70 -31.38 -25.91
CA LEU A 420 15.46 -32.14 -25.78
C LEU A 420 14.25 -31.38 -26.28
N LYS A 421 14.46 -30.18 -26.85
CA LYS A 421 13.39 -29.37 -27.42
C LYS A 421 12.34 -29.02 -26.37
N LEU A 422 12.80 -28.35 -25.31
CA LEU A 422 11.93 -27.87 -24.24
C LEU A 422 11.87 -26.36 -24.31
N VAL A 423 10.65 -25.82 -24.32
CA VAL A 423 10.40 -24.41 -24.55
C VAL A 423 9.73 -23.80 -23.33
N PRO A 424 10.12 -22.60 -22.89
CA PRO A 424 9.45 -21.97 -21.74
C PRO A 424 8.03 -21.54 -22.07
N LYS A 425 7.36 -20.89 -21.13
CA LYS A 425 5.97 -20.54 -21.29
C LYS A 425 5.77 -19.58 -22.46
N LYS A 426 4.99 -20.01 -23.44
CA LYS A 426 4.64 -19.20 -24.61
C LYS A 426 3.21 -19.52 -25.00
N VAL A 427 2.33 -18.51 -24.92
CA VAL A 427 0.89 -18.71 -25.05
C VAL A 427 0.51 -18.73 -26.53
N ASP A 428 -0.46 -19.59 -26.87
CA ASP A 428 -0.99 -19.69 -28.22
C ASP A 428 -2.46 -19.26 -28.22
N LEU A 429 -2.79 -18.32 -29.11
CA LEU A 429 -4.15 -17.81 -29.26
C LEU A 429 -4.49 -17.64 -30.74
N SER A 430 -3.92 -18.51 -31.59
CA SER A 430 -3.98 -18.34 -33.04
C SER A 430 -5.38 -18.54 -33.62
N GLN A 431 -6.40 -18.77 -32.80
CA GLN A 431 -7.75 -18.99 -33.30
C GLN A 431 -8.75 -17.94 -32.86
N GLN A 432 -8.31 -16.91 -32.14
CA GLN A 432 -9.21 -15.95 -31.52
C GLN A 432 -9.38 -14.71 -32.40
N LYS A 433 -10.36 -13.89 -32.03
CA LYS A 433 -10.62 -12.63 -32.74
C LYS A 433 -10.17 -11.40 -31.98
N GLU A 434 -10.60 -11.23 -30.74
CA GLU A 434 -10.26 -10.07 -29.92
C GLU A 434 -9.33 -10.49 -28.79
N ILE A 435 -8.65 -9.49 -28.21
CA ILE A 435 -7.70 -9.75 -27.13
C ILE A 435 -8.47 -10.24 -25.91
N PRO A 436 -8.08 -11.36 -25.31
CA PRO A 436 -8.78 -11.85 -24.12
C PRO A 436 -8.23 -11.26 -22.84
N THR A 437 -8.98 -11.48 -21.76
CA THR A 437 -8.56 -11.10 -20.42
C THR A 437 -8.11 -12.28 -19.58
N THR A 438 -7.92 -13.45 -20.18
CA THR A 438 -7.50 -14.63 -19.43
C THR A 438 -6.03 -14.55 -19.02
N LEU A 439 -5.18 -14.00 -19.88
CA LEU A 439 -3.73 -13.99 -19.65
C LEU A 439 -3.31 -12.87 -18.71
N VAL A 440 -4.25 -12.16 -18.09
CA VAL A 440 -3.92 -11.00 -17.28
C VAL A 440 -3.24 -11.39 -15.98
N ASP A 441 -3.74 -12.43 -15.31
CA ASP A 441 -3.41 -12.65 -13.90
C ASP A 441 -1.91 -12.89 -13.69
N ASP A 442 -1.25 -13.58 -14.61
CA ASP A 442 0.16 -13.90 -14.41
C ASP A 442 1.02 -12.65 -14.51
N PHE A 443 0.50 -11.60 -15.15
CA PHE A 443 1.29 -10.44 -15.53
C PHE A 443 1.03 -9.24 -14.62
N ILE A 444 0.64 -9.47 -13.38
CA ILE A 444 0.14 -8.43 -12.49
C ILE A 444 1.06 -8.30 -11.28
N LEU A 445 1.37 -7.05 -10.91
CA LEU A 445 2.12 -6.77 -9.70
C LEU A 445 1.19 -6.47 -8.52
N SER A 446 0.39 -5.42 -8.62
CA SER A 446 -0.43 -4.93 -7.53
C SER A 446 -1.75 -4.45 -8.08
N PRO A 447 -2.79 -4.34 -7.25
CA PRO A 447 -4.09 -3.86 -7.75
C PRO A 447 -4.05 -2.50 -8.41
N VAL A 448 -3.12 -1.61 -8.01
CA VAL A 448 -3.08 -0.28 -8.58
C VAL A 448 -2.87 -0.34 -10.09
N VAL A 449 -1.72 -0.89 -10.50
CA VAL A 449 -1.45 -0.98 -11.93
C VAL A 449 -2.35 -2.02 -12.58
N LYS A 450 -2.90 -2.94 -11.78
CA LYS A 450 -3.92 -3.86 -12.30
C LYS A 450 -5.12 -3.09 -12.85
N ARG A 451 -5.68 -2.19 -12.05
CA ARG A 451 -6.77 -1.35 -12.54
C ARG A 451 -6.28 -0.45 -13.68
N SER A 452 -5.11 0.14 -13.53
CA SER A 452 -4.61 1.04 -14.57
C SER A 452 -4.40 0.34 -15.90
N PHE A 453 -4.25 -0.99 -15.91
CA PHE A 453 -3.98 -1.71 -17.15
C PHE A 453 -5.15 -2.48 -17.70
N ILE A 454 -5.89 -3.22 -16.86
CA ILE A 454 -6.86 -4.20 -17.35
C ILE A 454 -7.86 -3.59 -18.31
N GLN A 455 -8.08 -2.29 -18.24
CA GLN A 455 -9.06 -1.65 -19.11
C GLN A 455 -8.47 -1.25 -20.47
N SER A 456 -7.15 -1.25 -20.61
CA SER A 456 -6.58 -1.06 -21.95
C SER A 456 -6.98 -2.22 -22.86
N ILE A 457 -7.09 -3.42 -22.29
CA ILE A 457 -7.57 -4.56 -23.07
C ILE A 457 -9.00 -4.32 -23.55
N LYS A 458 -9.88 -3.84 -22.66
CA LYS A 458 -11.24 -3.54 -23.05
C LYS A 458 -11.29 -2.50 -24.16
N VAL A 459 -10.55 -1.40 -23.99
CA VAL A 459 -10.63 -0.33 -24.98
C VAL A 459 -10.05 -0.77 -26.32
N ILE A 460 -8.94 -1.53 -26.31
CA ILE A 460 -8.36 -1.95 -27.58
C ILE A 460 -9.25 -2.98 -28.27
N ASN A 461 -9.89 -3.88 -27.51
CA ASN A 461 -10.78 -4.83 -28.18
C ASN A 461 -12.00 -4.12 -28.76
N ALA A 462 -12.50 -3.08 -28.08
CA ALA A 462 -13.55 -2.26 -28.66
C ALA A 462 -13.09 -1.57 -29.93
N ILE A 463 -11.85 -1.05 -29.93
CA ILE A 463 -11.32 -0.40 -31.12
C ILE A 463 -11.17 -1.39 -32.26
N ILE A 464 -10.83 -2.64 -31.94
CA ILE A 464 -10.74 -3.66 -32.99
C ILE A 464 -12.12 -3.95 -33.57
N LYS A 465 -13.12 -4.12 -32.71
CA LYS A 465 -14.46 -4.42 -33.20
C LYS A 465 -14.99 -3.28 -34.07
N LYS A 466 -14.80 -2.04 -33.64
CA LYS A 466 -15.30 -0.90 -34.39
C LYS A 466 -14.39 -0.45 -35.53
N TYR A 467 -13.17 -1.00 -35.61
CA TYR A 467 -12.18 -0.50 -36.54
C TYR A 467 -11.37 -1.59 -37.24
N GLY A 468 -11.64 -2.87 -37.00
CA GLY A 468 -10.78 -3.90 -37.53
C GLY A 468 -9.43 -3.93 -36.83
N LEU A 469 -8.49 -4.64 -37.44
CA LEU A 469 -7.18 -4.83 -36.85
C LEU A 469 -6.23 -3.72 -37.28
N PRO A 470 -5.52 -3.08 -36.36
CA PRO A 470 -4.62 -1.98 -36.70
C PRO A 470 -3.34 -2.50 -37.35
N ASN A 471 -2.40 -1.59 -37.58
CA ASN A 471 -1.10 -1.93 -38.13
C ASN A 471 0.06 -1.68 -37.18
N ASP A 472 -0.12 -0.87 -36.14
CA ASP A 472 0.96 -0.61 -35.19
C ASP A 472 0.38 -0.12 -33.87
N ILE A 473 1.06 -0.48 -32.79
CA ILE A 473 0.68 -0.07 -31.44
C ILE A 473 1.89 0.54 -30.75
N ILE A 474 1.74 1.76 -30.22
CA ILE A 474 2.78 2.40 -29.44
C ILE A 474 2.16 2.81 -28.10
N ILE A 475 2.85 2.48 -27.01
CA ILE A 475 2.28 2.61 -25.66
C ILE A 475 3.27 3.33 -24.76
N GLU A 476 2.79 4.36 -24.06
CA GLU A 476 3.53 5.00 -23.00
C GLU A 476 2.88 4.67 -21.66
N LEU A 477 3.66 4.67 -20.59
CA LEU A 477 3.19 4.19 -19.30
C LEU A 477 3.34 5.25 -18.22
N ALA A 478 2.80 4.94 -17.05
CA ALA A 478 2.89 5.78 -15.87
C ALA A 478 4.08 5.44 -14.98
N ARG A 479 4.87 4.44 -15.35
CA ARG A 479 5.99 4.00 -14.54
C ARG A 479 7.32 4.06 -15.28
N GLU A 480 7.29 4.36 -16.58
CA GLU A 480 8.48 4.51 -17.42
C GLU A 480 8.61 5.99 -17.74
N LYS A 481 9.26 6.75 -16.85
CA LYS A 481 9.29 8.19 -16.97
C LYS A 481 10.66 8.83 -16.72
N ASN A 482 11.65 8.08 -16.24
CA ASN A 482 12.95 8.68 -15.91
C ASN A 482 14.14 7.87 -16.42
N SER A 483 14.01 7.17 -17.55
CA SER A 483 15.13 6.44 -18.10
C SER A 483 16.20 7.37 -18.66
N LYS A 484 15.87 8.13 -19.71
CA LYS A 484 16.88 8.87 -20.45
C LYS A 484 17.25 10.19 -19.80
N ASP A 485 16.30 10.84 -19.11
CA ASP A 485 16.67 12.03 -18.36
C ASP A 485 17.71 11.70 -17.30
N ALA A 486 17.50 10.60 -16.58
CA ALA A 486 18.49 10.17 -15.59
C ALA A 486 19.77 9.69 -16.26
N GLN A 487 19.67 9.03 -17.42
CA GLN A 487 20.89 8.60 -18.10
C GLN A 487 21.75 9.78 -18.51
N LYS A 488 21.13 10.84 -19.03
CA LYS A 488 21.90 12.03 -19.40
C LYS A 488 22.35 12.81 -18.17
N MET A 489 21.61 12.73 -17.07
CA MET A 489 22.09 13.28 -15.81
C MET A 489 23.37 12.56 -15.36
N ILE A 490 23.41 11.25 -15.59
CA ILE A 490 24.59 10.46 -15.23
C ILE A 490 25.77 10.78 -16.15
N ASN A 491 25.52 10.86 -17.46
CA ASN A 491 26.60 10.88 -18.44
C ASN A 491 27.06 12.29 -18.81
N GLU A 492 26.13 13.22 -19.04
CA GLU A 492 26.50 14.54 -19.53
C GLU A 492 27.38 15.28 -18.54
N MET A 493 26.93 15.38 -17.29
CA MET A 493 27.68 16.01 -16.19
C MET A 493 28.02 17.44 -16.59
N GLN A 494 29.28 17.85 -16.58
CA GLN A 494 29.69 19.22 -16.88
C GLN A 494 30.62 19.22 -18.10
N LYS A 495 30.55 20.29 -18.89
CA LYS A 495 31.38 20.43 -20.07
C LYS A 495 32.83 20.78 -19.75
N ARG A 496 33.14 21.17 -18.52
CA ARG A 496 34.47 21.66 -18.20
C ARG A 496 35.55 20.59 -18.27
N ASN A 497 35.16 19.31 -18.22
CA ASN A 497 36.09 18.18 -18.26
C ASN A 497 37.08 18.21 -17.11
N ARG A 498 37.93 17.18 -17.03
CA ARG A 498 39.11 17.16 -16.15
C ARG A 498 38.64 17.28 -14.70
N GLN A 499 39.09 18.30 -13.96
CA GLN A 499 38.92 18.39 -12.52
C GLN A 499 37.48 18.17 -12.05
N THR A 500 36.53 18.83 -12.68
CA THR A 500 35.13 18.72 -12.25
C THR A 500 34.59 17.31 -12.45
N ASN A 501 34.76 16.77 -13.66
CA ASN A 501 34.15 15.49 -13.99
C ASN A 501 34.85 14.30 -13.36
N GLU A 502 36.15 14.39 -13.09
CA GLU A 502 36.91 13.27 -12.56
C GLU A 502 36.85 13.15 -11.05
N ARG A 503 36.17 14.08 -10.36
CA ARG A 503 36.09 14.06 -8.91
C ARG A 503 34.69 13.77 -8.39
N ILE A 504 33.68 14.53 -8.83
CA ILE A 504 32.34 14.37 -8.29
C ILE A 504 31.56 13.25 -8.96
N GLU A 505 32.15 12.57 -9.94
CA GLU A 505 31.50 11.40 -10.53
C GLU A 505 31.19 10.35 -9.47
N GLU A 506 32.04 10.27 -8.43
CA GLU A 506 31.81 9.32 -7.35
C GLU A 506 30.52 9.59 -6.61
N ILE A 507 29.92 10.77 -6.81
CA ILE A 507 28.60 11.08 -6.27
C ILE A 507 27.60 11.12 -7.42
N ILE A 508 28.09 11.43 -8.63
CA ILE A 508 27.20 11.47 -9.80
C ILE A 508 26.82 10.06 -10.25
N ARG A 509 27.82 9.22 -10.51
CA ARG A 509 27.59 7.82 -10.84
C ARG A 509 27.68 6.91 -9.62
N THR A 510 27.91 7.49 -8.44
CA THR A 510 28.10 6.72 -7.21
C THR A 510 29.20 5.67 -7.39
N THR A 511 30.38 6.15 -7.79
CA THR A 511 31.60 5.36 -7.91
C THR A 511 31.48 4.23 -8.94
N GLY A 512 30.35 4.15 -9.64
CA GLY A 512 30.15 3.10 -10.63
C GLY A 512 30.16 1.69 -10.06
N LYS A 513 29.52 1.48 -8.92
CA LYS A 513 29.49 0.18 -8.25
C LYS A 513 28.05 -0.23 -7.95
N GLU A 514 27.87 -1.52 -7.69
CA GLU A 514 26.55 -2.07 -7.41
C GLU A 514 26.03 -1.69 -6.03
N ASN A 515 26.85 -1.02 -5.22
CA ASN A 515 26.45 -0.65 -3.86
C ASN A 515 25.18 0.19 -3.85
N ALA A 516 24.89 0.89 -4.95
CA ALA A 516 23.67 1.69 -5.02
C ALA A 516 22.41 0.85 -4.80
N LYS A 517 22.45 -0.44 -5.14
CA LYS A 517 21.32 -1.32 -4.91
C LYS A 517 21.51 -2.20 -3.68
N TYR A 518 22.32 -1.75 -2.71
CA TYR A 518 22.42 -2.41 -1.43
C TYR A 518 22.33 -1.45 -0.25
N LEU A 519 22.53 -0.16 -0.47
CA LEU A 519 22.49 0.81 0.63
C LEU A 519 21.07 1.14 1.07
N ILE A 520 20.12 1.20 0.13
CA ILE A 520 18.72 1.49 0.39
C ILE A 520 18.59 2.95 0.82
N GLU A 521 17.37 3.48 0.88
CA GLU A 521 17.17 4.91 1.03
C GLU A 521 17.78 5.47 2.31
N LYS A 522 17.90 4.63 3.35
CA LYS A 522 18.48 5.08 4.62
C LYS A 522 19.91 5.57 4.43
N ILE A 523 20.60 5.15 3.37
CA ILE A 523 21.89 5.70 3.01
C ILE A 523 21.82 6.52 1.72
N LYS A 524 20.81 6.29 0.87
CA LYS A 524 20.66 7.10 -0.33
C LYS A 524 20.39 8.57 0.01
N LEU A 525 19.60 8.83 1.05
CA LEU A 525 19.34 10.21 1.44
C LEU A 525 20.61 10.94 1.87
N HIS A 526 21.64 10.21 2.31
CA HIS A 526 22.93 10.83 2.58
C HIS A 526 23.53 11.41 1.31
N ASP A 527 23.46 10.66 0.20
CA ASP A 527 23.91 11.19 -1.08
C ASP A 527 22.99 12.31 -1.56
N MET A 528 21.69 12.17 -1.30
CA MET A 528 20.73 13.15 -1.78
C MET A 528 20.83 14.48 -1.04
N GLN A 529 21.27 14.47 0.22
CA GLN A 529 21.28 15.65 1.06
C GLN A 529 22.70 16.15 1.36
N GLU A 530 23.64 15.89 0.45
CA GLU A 530 25.05 16.31 0.62
C GLU A 530 25.66 15.74 1.90
N GLY A 531 25.12 14.63 2.39
CA GLY A 531 25.55 14.15 3.69
C GLY A 531 25.28 15.14 4.81
N LYS A 532 24.17 15.86 4.73
CA LYS A 532 23.79 16.85 5.74
C LYS A 532 22.32 16.68 6.08
N CYS A 533 22.01 16.81 7.36
CA CYS A 533 20.61 16.76 7.79
C CYS A 533 19.83 17.93 7.20
N LEU A 534 18.64 17.64 6.69
CA LEU A 534 17.82 18.70 6.10
C LEU A 534 17.43 19.75 7.14
N TYR A 535 17.04 19.30 8.32
CA TYR A 535 16.50 20.21 9.33
C TYR A 535 17.58 20.93 10.14
N SER A 536 18.85 20.54 9.99
CA SER A 536 19.92 21.18 10.75
C SER A 536 21.14 21.56 9.94
N LEU A 537 21.36 20.99 8.75
CA LEU A 537 22.52 21.25 7.91
C LEU A 537 23.83 20.93 8.62
N GLU A 538 23.85 20.06 9.48
CA GLU A 538 25.04 19.43 10.07
C GLU A 538 25.50 18.17 9.34
N ALA A 539 26.79 17.88 9.43
CA ALA A 539 27.46 16.75 8.77
C ALA A 539 26.91 15.37 9.19
N ILE A 540 26.72 14.51 8.17
CA ILE A 540 26.25 13.13 8.27
C ILE A 540 27.20 12.24 7.44
N PRO A 541 28.46 12.03 7.87
CA PRO A 541 29.44 11.19 7.18
C PRO A 541 28.97 9.76 6.90
N LEU A 542 29.37 9.22 5.73
CA LEU A 542 29.17 7.84 5.26
C LEU A 542 29.78 6.74 6.15
N GLU A 543 30.96 6.95 6.71
CA GLU A 543 31.59 6.01 7.65
C GLU A 543 30.89 5.94 9.02
N ASP A 544 30.36 7.08 9.50
CA ASP A 544 29.58 7.17 10.75
C ASP A 544 28.20 6.49 10.66
N LEU A 545 27.57 6.50 9.48
CA LEU A 545 26.31 5.82 9.16
C LEU A 545 26.45 4.29 9.13
N LEU A 546 27.68 3.79 8.84
CA LEU A 546 28.00 2.37 8.73
C LEU A 546 28.76 1.79 9.95
N ASN A 547 29.16 2.64 10.90
CA ASN A 547 29.90 2.27 12.11
C ASN A 547 29.29 2.89 13.39
N ASN A 548 28.43 3.91 13.26
CA ASN A 548 27.68 4.56 14.34
C ASN A 548 26.20 4.85 13.94
N PRO A 549 25.38 3.85 13.54
CA PRO A 549 24.00 4.04 13.11
C PRO A 549 23.14 4.89 14.06
N PHE A 550 23.26 4.63 15.35
CA PHE A 550 22.54 5.25 16.48
C PHE A 550 22.59 6.78 16.52
N ASN A 551 23.53 7.44 15.84
CA ASN A 551 23.63 8.91 15.80
C ASN A 551 22.52 9.56 14.95
N TYR A 552 22.04 8.88 13.89
CA TYR A 552 21.13 9.39 12.88
C TYR A 552 19.94 8.42 12.70
N GLU A 553 18.76 8.91 12.38
CA GLU A 553 17.54 8.08 12.20
C GLU A 553 16.86 8.38 10.85
N VAL A 554 16.24 7.35 10.22
CA VAL A 554 15.49 7.47 8.96
C VAL A 554 13.99 7.34 9.21
N ASP A 555 13.23 8.31 8.68
CA ASP A 555 11.79 8.45 8.84
C ASP A 555 11.17 9.16 7.62
N HIS A 556 9.85 9.27 7.61
CA HIS A 556 9.10 9.95 6.54
C HIS A 556 9.14 11.48 6.68
N ILE A 557 8.59 12.16 5.66
CA ILE A 557 8.53 13.62 5.63
C ILE A 557 7.14 14.07 6.12
N ILE A 558 6.07 13.57 5.48
CA ILE A 558 4.66 13.91 5.78
C ILE A 558 3.84 12.65 6.18
N PRO A 559 3.11 12.69 7.31
CA PRO A 559 2.25 11.59 7.77
C PRO A 559 1.27 11.07 6.71
N ARG A 560 1.04 9.74 6.71
CA ARG A 560 0.23 9.03 5.70
C ARG A 560 -1.17 9.61 5.53
N SER A 561 -1.77 10.08 6.63
CA SER A 561 -3.13 10.65 6.64
C SER A 561 -3.37 11.80 5.64
N VAL A 562 -2.33 12.53 5.24
CA VAL A 562 -2.38 13.62 4.25
C VAL A 562 -1.26 13.53 3.18
N SER A 563 -0.67 12.34 2.99
CA SER A 563 0.38 12.09 1.98
C SER A 563 0.29 10.73 1.28
N PHE A 564 -0.20 9.68 1.95
CA PHE A 564 -0.27 8.29 1.47
C PHE A 564 0.83 7.88 0.47
N ASP A 565 2.10 8.06 0.81
CA ASP A 565 3.24 7.74 -0.06
C ASP A 565 4.30 7.00 0.75
N ASN A 566 4.43 5.69 0.52
CA ASN A 566 5.36 4.82 1.22
C ASN A 566 6.68 4.60 0.44
N SER A 567 6.95 5.34 -0.64
CA SER A 567 8.15 5.16 -1.46
C SER A 567 9.39 5.87 -0.92
N PHE A 568 10.49 5.79 -1.68
CA PHE A 568 11.70 6.59 -1.58
C PHE A 568 11.56 8.11 -1.77
N ASN A 569 10.39 8.65 -2.14
CA ASN A 569 10.20 10.10 -2.26
C ASN A 569 9.84 10.74 -0.90
N ASN A 570 9.07 10.06 -0.02
CA ASN A 570 8.59 10.64 1.24
C ASN A 570 9.41 10.21 2.47
N LYS A 571 10.74 10.08 2.34
CA LYS A 571 11.65 9.72 3.45
C LYS A 571 12.97 10.52 3.43
N VAL A 572 13.52 10.84 4.61
CA VAL A 572 14.73 11.68 4.80
C VAL A 572 15.62 11.11 5.94
N LEU A 573 16.90 11.53 5.97
CA LEU A 573 17.85 11.15 7.04
C LEU A 573 18.18 12.34 7.96
N VAL A 574 17.80 12.20 9.23
CA VAL A 574 17.81 13.28 10.24
C VAL A 574 18.55 12.83 11.51
N LYS A 575 19.43 13.68 12.07
CA LYS A 575 20.15 13.33 13.31
C LYS A 575 19.15 13.01 14.42
N GLN A 576 19.35 11.91 15.13
CA GLN A 576 18.49 11.43 16.20
C GLN A 576 17.94 12.54 17.13
N GLU A 577 18.75 13.57 17.45
CA GLU A 577 18.35 14.65 18.35
C GLU A 577 17.16 15.48 17.81
N GLU A 578 17.04 15.67 16.49
CA GLU A 578 15.96 16.44 15.86
C GLU A 578 14.77 15.56 15.42
N ALA A 579 15.05 14.32 14.90
CA ALA A 579 14.05 13.40 14.40
C ALA A 579 13.09 12.98 15.50
N SER A 580 13.56 12.80 16.73
CA SER A 580 12.84 12.39 17.94
C SER A 580 11.84 13.44 18.37
N LYS A 581 11.96 14.71 18.00
CA LYS A 581 11.08 15.85 18.30
C LYS A 581 10.16 16.24 17.12
N LYS A 582 10.27 15.56 15.97
CA LYS A 582 9.47 15.83 14.77
C LYS A 582 7.99 15.47 14.92
N GLY A 583 7.62 14.22 14.60
CA GLY A 583 6.24 13.75 14.66
C GLY A 583 5.34 14.31 13.54
N ASN A 584 4.30 15.05 13.91
CA ASN A 584 3.38 15.71 12.98
C ASN A 584 3.86 17.12 12.56
N ARG A 585 5.16 17.27 12.21
CA ARG A 585 5.77 18.54 11.77
C ARG A 585 6.76 18.41 10.63
N THR A 586 6.43 19.06 9.51
CA THR A 586 7.27 19.26 8.32
C THR A 586 8.29 20.40 8.47
N PRO A 587 9.36 20.47 7.63
CA PRO A 587 10.40 21.51 7.68
C PRO A 587 9.92 22.96 7.75
N PHE A 588 8.84 23.28 7.05
CA PHE A 588 8.19 24.59 6.97
C PHE A 588 7.77 25.12 8.35
N GLN A 589 7.02 24.29 9.09
CA GLN A 589 6.50 24.51 10.43
C GLN A 589 7.50 24.12 11.54
N TYR A 590 8.28 23.05 11.37
CA TYR A 590 9.26 22.57 12.33
C TYR A 590 10.41 23.56 12.50
N LEU A 591 11.00 24.03 11.38
CA LEU A 591 12.16 24.92 11.38
C LEU A 591 11.83 26.41 11.55
N SER A 592 10.58 26.82 11.36
CA SER A 592 10.11 28.19 11.63
C SER A 592 9.66 28.43 13.08
N SER A 593 9.68 27.39 13.90
CA SER A 593 9.31 27.45 15.32
C SER A 593 10.33 28.19 16.20
N SER A 594 9.92 28.49 17.44
CA SER A 594 10.69 29.28 18.42
C SER A 594 12.03 28.71 18.93
N ASP A 595 12.33 27.42 18.79
CA ASP A 595 13.60 26.80 19.23
C ASP A 595 14.42 26.16 18.09
N SER A 596 14.12 26.49 16.83
CA SER A 596 14.81 25.99 15.61
C SER A 596 16.25 26.51 15.46
N LYS A 597 17.17 25.67 14.97
CA LYS A 597 18.54 26.04 14.57
C LYS A 597 18.64 26.92 13.32
N ILE A 598 17.65 26.90 12.43
CA ILE A 598 17.63 27.68 11.17
C ILE A 598 16.22 28.21 10.82
N SER A 599 16.14 29.17 9.91
CA SER A 599 14.88 29.68 9.35
C SER A 599 14.42 28.91 8.12
N TYR A 600 13.15 29.14 7.68
CA TYR A 600 12.62 28.51 6.46
C TYR A 600 13.40 28.93 5.23
N GLU A 601 13.91 30.17 5.19
CA GLU A 601 14.54 30.67 3.97
C GLU A 601 15.92 30.04 3.75
N THR A 602 16.71 29.91 4.82
CA THR A 602 18.01 29.25 4.70
C THR A 602 17.85 27.81 4.26
N PHE A 603 16.88 27.10 4.85
CA PHE A 603 16.58 25.74 4.41
C PHE A 603 16.07 25.73 2.97
N LYS A 604 15.32 26.75 2.56
CA LYS A 604 14.83 26.82 1.19
C LYS A 604 15.99 26.90 0.21
N LYS A 605 16.96 27.78 0.49
CA LYS A 605 18.11 27.88 -0.38
C LYS A 605 18.98 26.63 -0.30
N HIS A 606 19.01 25.96 0.86
CA HIS A 606 19.68 24.67 0.97
C HIS A 606 19.08 23.66 0.00
N ILE A 607 17.75 23.55 0.00
CA ILE A 607 17.07 22.63 -0.92
C ILE A 607 17.30 23.07 -2.36
N LEU A 608 17.31 24.38 -2.62
CA LEU A 608 17.49 24.87 -3.98
C LEU A 608 18.86 24.49 -4.52
N ASN A 609 19.91 24.68 -3.70
CA ASN A 609 21.23 24.19 -4.08
C ASN A 609 21.28 22.66 -4.12
N LEU A 610 20.33 22.00 -3.47
CA LEU A 610 20.15 20.57 -3.67
C LEU A 610 19.20 20.24 -4.82
N ALA A 611 18.54 21.25 -5.40
CA ALA A 611 17.55 21.03 -6.45
C ALA A 611 17.77 21.94 -7.66
N LYS A 612 18.99 22.42 -7.86
CA LYS A 612 19.31 23.26 -9.03
C LYS A 612 20.63 22.83 -9.65
N GLY A 613 20.79 21.53 -9.86
CA GLY A 613 22.00 21.04 -10.49
C GLY A 613 21.91 19.58 -10.82
N LYS A 614 23.08 18.97 -11.07
CA LYS A 614 23.15 17.55 -11.30
C LYS A 614 22.79 16.81 -10.01
N GLY A 615 21.93 15.80 -10.12
CA GLY A 615 21.38 15.15 -8.94
C GLY A 615 20.43 16.03 -8.15
N ARG A 616 19.59 16.80 -8.83
CA ARG A 616 18.69 17.71 -8.14
C ARG A 616 17.49 16.96 -7.58
N ILE A 617 16.81 17.62 -6.63
CA ILE A 617 15.63 17.03 -6.01
C ILE A 617 14.45 17.07 -6.98
N SER A 618 13.76 15.94 -7.13
CA SER A 618 12.59 15.89 -7.99
C SER A 618 11.52 16.84 -7.47
N LYS A 619 10.76 17.41 -8.40
CA LYS A 619 9.74 18.40 -8.02
C LYS A 619 8.69 17.80 -7.10
N THR A 620 8.39 16.52 -7.27
CA THR A 620 7.51 15.83 -6.33
C THR A 620 8.11 15.83 -4.93
N LYS A 621 9.41 15.54 -4.82
CA LYS A 621 10.09 15.61 -3.54
C LYS A 621 10.43 17.05 -3.15
N LYS A 622 10.58 17.95 -4.14
CA LYS A 622 10.84 19.35 -3.83
C LYS A 622 9.65 19.98 -3.12
N GLU A 623 8.44 19.69 -3.59
CA GLU A 623 7.25 20.21 -2.92
C GLU A 623 7.09 19.61 -1.52
N TYR A 624 7.58 18.39 -1.31
CA TYR A 624 7.60 17.82 0.03
C TYR A 624 8.47 18.62 0.98
N LEU A 625 9.55 19.21 0.47
CA LEU A 625 10.55 19.87 1.30
C LEU A 625 10.40 21.38 1.32
N LEU A 626 9.27 21.91 0.86
CA LEU A 626 9.05 23.35 0.92
C LEU A 626 7.70 23.67 1.53
N GLU A 627 6.75 22.74 1.42
CA GLU A 627 5.39 22.87 1.95
C GLU A 627 4.60 23.94 1.19
N GLU A 628 3.36 23.64 0.88
CA GLU A 628 2.48 24.57 0.18
C GLU A 628 1.30 24.92 1.07
N ARG A 629 0.95 26.21 1.10
CA ARG A 629 -0.21 26.69 1.84
C ARG A 629 -0.11 26.32 3.32
N ASP A 630 -0.80 25.25 3.71
CA ASP A 630 -0.76 24.78 5.09
C ASP A 630 -1.02 23.28 5.09
N ILE A 631 -0.29 22.55 5.93
CA ILE A 631 -0.43 21.10 6.00
C ILE A 631 -1.56 20.67 6.93
N ASN A 632 -2.08 21.58 7.75
CA ASN A 632 -3.00 21.22 8.82
C ASN A 632 -4.44 21.00 8.35
N ARG A 633 -4.67 20.86 7.04
CA ARG A 633 -6.02 20.73 6.48
C ARG A 633 -6.08 19.56 5.51
N PHE A 634 -7.20 19.47 4.80
CA PHE A 634 -7.39 18.41 3.83
C PHE A 634 -7.05 18.85 2.41
N SER A 635 -7.00 20.17 2.16
CA SER A 635 -6.75 20.68 0.82
C SER A 635 -5.42 20.22 0.26
N VAL A 636 -4.36 20.19 1.07
CA VAL A 636 -3.09 19.66 0.62
C VAL A 636 -3.07 18.13 0.66
N GLN A 637 -3.94 17.53 1.46
CA GLN A 637 -3.99 16.08 1.59
C GLN A 637 -4.42 15.45 0.27
N LYS A 638 -5.15 16.20 -0.55
CA LYS A 638 -5.49 15.74 -1.89
C LYS A 638 -4.50 16.22 -2.95
N ASP A 639 -3.90 17.40 -2.78
CA ASP A 639 -2.97 17.91 -3.79
C ASP A 639 -1.63 17.18 -3.76
N PHE A 640 -1.33 16.48 -2.66
CA PHE A 640 -0.12 15.66 -2.61
C PHE A 640 -0.25 14.39 -3.45
N ILE A 641 -1.45 14.14 -4.00
CA ILE A 641 -1.69 12.88 -4.69
C ILE A 641 -1.15 12.93 -6.13
N ASN A 642 -1.49 13.98 -6.88
CA ASN A 642 -1.34 13.98 -8.33
C ASN A 642 0.04 14.41 -8.81
N ARG A 643 1.04 14.49 -7.94
CA ARG A 643 2.42 14.71 -8.37
C ARG A 643 3.32 13.50 -8.13
N ASN A 644 2.83 12.45 -7.49
CA ASN A 644 3.67 11.35 -7.05
C ASN A 644 4.09 10.47 -8.21
N LEU A 645 5.17 9.70 -7.99
CA LEU A 645 5.74 8.85 -9.03
C LEU A 645 6.29 7.57 -8.41
N VAL A 646 6.27 6.49 -9.19
CA VAL A 646 6.86 5.21 -8.82
C VAL A 646 7.61 4.68 -10.04
N ASP A 647 8.57 3.79 -9.79
CA ASP A 647 9.33 3.15 -10.86
C ASP A 647 9.22 1.63 -10.75
N THR A 648 8.99 0.99 -11.89
CA THR A 648 8.91 -0.46 -11.97
C THR A 648 9.17 -0.90 -13.40
N ARG A 649 9.56 -2.17 -13.55
CA ARG A 649 9.83 -2.75 -14.85
C ARG A 649 9.04 -4.01 -15.14
N TYR A 650 8.52 -4.67 -14.11
CA TYR A 650 7.75 -5.90 -14.32
C TYR A 650 6.41 -5.61 -14.99
N ALA A 651 5.71 -4.57 -14.51
CA ALA A 651 4.37 -4.29 -15.00
C ALA A 651 4.35 -3.98 -16.50
N THR A 652 5.35 -3.24 -17.00
CA THR A 652 5.42 -2.97 -18.43
C THR A 652 5.55 -4.28 -19.21
N ARG A 653 6.53 -5.10 -18.83
CA ARG A 653 6.85 -6.29 -19.61
C ARG A 653 5.73 -7.32 -19.56
N GLY A 654 4.96 -7.35 -18.47
CA GLY A 654 3.81 -8.24 -18.42
C GLY A 654 2.88 -8.05 -19.60
N LEU A 655 2.25 -6.88 -19.68
CA LEU A 655 1.35 -6.62 -20.79
C LEU A 655 2.08 -6.56 -22.12
N MET A 656 3.37 -6.21 -22.11
CA MET A 656 4.12 -6.21 -23.36
C MET A 656 4.14 -7.60 -23.97
N ASN A 657 4.53 -8.60 -23.19
CA ASN A 657 4.53 -9.97 -23.68
C ASN A 657 3.12 -10.47 -23.93
N LEU A 658 2.15 -10.00 -23.14
CA LEU A 658 0.76 -10.37 -23.40
C LEU A 658 0.34 -9.95 -24.80
N LEU A 659 0.71 -8.74 -25.21
CA LEU A 659 0.36 -8.26 -26.55
C LEU A 659 1.15 -9.00 -27.62
N ARG A 660 2.46 -9.22 -27.39
CA ARG A 660 3.26 -9.90 -28.40
C ARG A 660 2.80 -11.33 -28.67
N SER A 661 2.44 -12.09 -27.63
CA SER A 661 1.99 -13.46 -27.86
C SER A 661 0.75 -13.49 -28.74
N TYR A 662 -0.26 -12.68 -28.38
CA TYR A 662 -1.50 -12.66 -29.14
C TYR A 662 -1.28 -12.19 -30.57
N PHE A 663 -0.43 -11.18 -30.76
CA PHE A 663 -0.20 -10.70 -32.11
C PHE A 663 0.65 -11.64 -32.96
N ARG A 664 1.51 -12.45 -32.34
CA ARG A 664 2.29 -13.42 -33.09
C ARG A 664 1.52 -14.69 -33.42
N VAL A 665 0.54 -15.08 -32.59
CA VAL A 665 -0.16 -16.33 -32.87
C VAL A 665 -1.16 -16.15 -34.02
N ASN A 666 -1.89 -15.04 -34.04
CA ASN A 666 -2.93 -14.83 -35.04
C ASN A 666 -2.40 -14.37 -36.38
N ASN A 667 -1.11 -14.53 -36.63
CA ASN A 667 -0.49 -14.15 -37.90
C ASN A 667 -0.74 -12.67 -38.19
N LEU A 668 -0.32 -11.84 -37.25
CA LEU A 668 -0.48 -10.39 -37.32
C LEU A 668 0.90 -9.75 -37.25
N ASP A 669 1.46 -9.41 -38.40
CA ASP A 669 2.74 -8.71 -38.43
C ASP A 669 2.53 -7.26 -38.02
N VAL A 670 2.17 -7.05 -36.76
CA VAL A 670 1.84 -5.73 -36.23
C VAL A 670 2.93 -5.32 -35.26
N LYS A 671 3.59 -4.22 -35.56
CA LYS A 671 4.60 -3.70 -34.66
C LYS A 671 3.96 -3.29 -33.34
N VAL A 672 4.60 -3.64 -32.24
CA VAL A 672 4.10 -3.32 -30.90
C VAL A 672 5.28 -2.85 -30.06
N LYS A 673 5.24 -1.60 -29.62
CA LYS A 673 6.37 -1.06 -28.87
C LYS A 673 5.89 -0.15 -27.75
N SER A 674 6.64 -0.16 -26.65
CA SER A 674 6.42 0.75 -25.55
C SER A 674 7.60 1.71 -25.43
N ILE A 675 7.28 2.98 -25.19
CA ILE A 675 8.28 4.03 -25.05
C ILE A 675 8.30 4.51 -23.61
N ASN A 676 9.49 4.77 -23.10
CA ASN A 676 9.63 5.39 -21.80
C ASN A 676 9.25 6.86 -21.88
N GLY A 677 8.78 7.40 -20.75
CA GLY A 677 8.42 8.81 -20.71
C GLY A 677 9.59 9.75 -20.81
N GLY A 678 10.81 9.23 -20.73
CA GLY A 678 11.99 10.07 -20.90
C GLY A 678 12.10 10.71 -22.27
N PHE A 679 11.92 9.92 -23.33
CA PHE A 679 11.93 10.48 -24.68
C PHE A 679 10.79 11.46 -24.90
N THR A 680 9.58 11.08 -24.45
CA THR A 680 8.43 11.95 -24.63
C THR A 680 8.56 13.25 -23.82
N SER A 681 9.33 13.23 -22.73
CA SER A 681 9.61 14.49 -22.04
C SER A 681 10.38 15.44 -22.93
N PHE A 682 11.41 14.94 -23.62
CA PHE A 682 12.11 15.77 -24.61
C PHE A 682 11.17 16.20 -25.72
N LEU A 683 10.32 15.30 -26.20
CA LEU A 683 9.37 15.64 -27.27
C LEU A 683 8.47 16.80 -26.85
N ARG A 684 7.86 16.70 -25.68
CA ARG A 684 7.03 17.78 -25.17
C ARG A 684 7.84 19.05 -24.94
N ARG A 685 9.12 18.90 -24.57
CA ARG A 685 9.98 20.06 -24.39
C ARG A 685 10.16 20.84 -25.69
N LYS A 686 10.51 20.14 -26.77
CA LYS A 686 10.99 20.77 -27.99
C LYS A 686 9.91 21.00 -29.03
N TRP A 687 8.64 20.75 -28.71
CA TRP A 687 7.57 20.92 -29.69
C TRP A 687 6.76 22.20 -29.48
N LYS A 688 7.16 23.05 -28.54
CA LYS A 688 6.68 24.43 -28.44
C LYS A 688 5.16 24.51 -28.31
N PHE A 689 4.66 23.98 -27.20
CA PHE A 689 3.24 24.10 -26.90
C PHE A 689 2.98 25.35 -26.09
N LYS A 690 1.70 25.63 -25.83
CA LYS A 690 1.34 26.81 -25.05
C LYS A 690 1.67 26.62 -23.58
N LYS A 691 2.11 27.71 -22.95
CA LYS A 691 2.60 27.66 -21.57
C LYS A 691 1.42 27.78 -20.61
N GLU A 692 0.74 26.65 -20.41
CA GLU A 692 -0.47 26.64 -19.59
C GLU A 692 -0.78 25.22 -19.13
N ARG A 693 -1.33 25.14 -17.91
CA ARG A 693 -1.76 23.87 -17.33
C ARG A 693 -3.28 23.75 -17.22
N ASN A 694 -4.03 24.83 -17.48
CA ASN A 694 -5.48 24.83 -17.38
C ASN A 694 -6.07 24.11 -18.59
N LYS A 695 -5.91 22.79 -18.62
CA LYS A 695 -6.41 21.97 -19.71
C LYS A 695 -7.22 20.78 -19.24
N GLY A 696 -6.99 20.26 -18.04
CA GLY A 696 -7.83 19.21 -17.49
C GLY A 696 -7.63 17.86 -18.15
N TYR A 697 -8.74 17.12 -18.25
CA TYR A 697 -8.70 15.74 -18.72
C TYR A 697 -8.12 15.62 -20.12
N LYS A 698 -7.98 16.73 -20.85
CA LYS A 698 -7.43 16.67 -22.20
C LYS A 698 -5.92 16.44 -22.20
N HIS A 699 -5.20 16.81 -21.11
CA HIS A 699 -3.77 16.53 -21.03
C HIS A 699 -3.48 15.09 -21.43
N HIS A 700 -4.17 14.14 -20.81
CA HIS A 700 -3.88 12.73 -21.01
C HIS A 700 -3.98 12.34 -22.47
N ALA A 701 -4.85 13.02 -23.24
CA ALA A 701 -4.92 12.75 -24.67
C ALA A 701 -3.83 13.49 -25.41
N GLU A 702 -3.67 14.79 -25.11
CA GLU A 702 -2.70 15.60 -25.85
C GLU A 702 -1.29 15.07 -25.68
N ASP A 703 -0.97 14.52 -24.51
CA ASP A 703 0.29 13.82 -24.34
C ASP A 703 0.29 12.50 -25.11
N ALA A 704 -0.79 11.72 -24.96
CA ALA A 704 -0.83 10.39 -25.56
C ALA A 704 -0.68 10.45 -27.06
N LEU A 705 -1.36 11.42 -27.69
CA LEU A 705 -1.28 11.53 -29.14
C LEU A 705 0.13 11.91 -29.58
N ILE A 706 0.88 12.59 -28.71
CA ILE A 706 2.32 12.75 -28.90
C ILE A 706 2.97 11.41 -29.23
N ILE A 707 2.76 10.44 -28.34
CA ILE A 707 3.28 9.09 -28.57
C ILE A 707 2.77 8.54 -29.90
N ALA A 708 1.51 8.83 -30.23
CA ALA A 708 0.92 8.31 -31.46
C ALA A 708 1.67 8.80 -32.70
N ASN A 709 2.34 9.95 -32.59
CA ASN A 709 3.17 10.41 -33.71
C ASN A 709 4.63 10.04 -33.55
N ALA A 710 5.07 9.73 -32.33
CA ALA A 710 6.49 9.46 -32.11
C ALA A 710 6.96 8.27 -32.94
N ASP A 711 6.14 7.23 -33.04
CA ASP A 711 6.48 6.10 -33.88
C ASP A 711 6.70 6.52 -35.33
N PHE A 712 5.84 7.41 -35.85
CA PHE A 712 6.03 7.89 -37.21
C PHE A 712 7.35 8.63 -37.36
N ILE A 713 7.83 9.23 -36.27
CA ILE A 713 9.13 9.90 -36.29
C ILE A 713 10.23 8.91 -36.67
N PHE A 714 10.06 7.64 -36.29
CA PHE A 714 11.04 6.62 -36.62
C PHE A 714 11.12 6.32 -38.12
N LYS A 715 10.16 6.80 -38.92
CA LYS A 715 10.15 6.53 -40.34
C LYS A 715 10.28 7.81 -41.16
N GLU A 716 11.09 8.76 -40.69
CA GLU A 716 11.32 9.98 -41.45
C GLU A 716 12.80 10.32 -41.54
N TRP A 717 13.60 9.88 -40.58
CA TRP A 717 15.01 10.23 -40.51
C TRP A 717 15.87 8.98 -40.48
N LYS A 718 17.08 9.09 -41.03
CA LYS A 718 18.00 7.96 -41.16
C LYS A 718 19.06 7.92 -40.05
N LYS A 719 18.95 8.79 -39.05
CA LYS A 719 19.85 8.77 -37.90
C LYS A 719 19.33 7.90 -36.77
N LEU A 720 18.22 7.19 -37.00
CA LEU A 720 17.54 6.44 -35.95
C LEU A 720 17.79 4.94 -36.03
N ASP A 721 18.77 4.51 -36.83
CA ASP A 721 18.95 3.08 -37.05
C ASP A 721 19.26 2.34 -35.75
N LYS A 722 20.27 2.82 -35.00
CA LYS A 722 20.50 2.22 -33.68
C LYS A 722 19.36 2.56 -32.72
N ALA A 723 18.77 3.75 -32.85
CA ALA A 723 17.59 4.07 -32.05
C ALA A 723 16.43 3.14 -32.38
N LYS A 724 16.23 2.85 -33.67
CA LYS A 724 15.20 1.88 -34.05
C LYS A 724 15.50 0.51 -33.46
N LYS A 725 16.75 0.07 -33.51
CA LYS A 725 17.11 -1.23 -32.97
C LYS A 725 16.92 -1.28 -31.46
N VAL A 726 17.27 -0.21 -30.75
CA VAL A 726 17.12 -0.18 -29.31
C VAL A 726 15.65 -0.15 -28.91
N MET A 727 14.85 0.69 -29.57
CA MET A 727 13.43 0.73 -29.28
C MET A 727 12.69 -0.51 -29.76
N GLU A 728 13.34 -1.36 -30.56
CA GLU A 728 12.78 -2.64 -30.93
C GLU A 728 13.55 -3.82 -30.34
N ASN A 729 14.64 -3.56 -29.61
CA ASN A 729 15.50 -4.59 -29.04
C ASN A 729 16.00 -5.54 -30.12
N GLN A 730 16.73 -4.98 -31.08
CA GLN A 730 17.26 -5.72 -32.22
C GLN A 730 18.74 -5.99 -32.02
N MET A 731 19.14 -7.25 -32.22
CA MET A 731 20.52 -7.63 -32.03
C MET A 731 21.41 -6.91 -33.04
N PHE A 732 22.58 -6.49 -32.59
CA PHE A 732 23.54 -5.80 -33.44
C PHE A 732 24.59 -6.78 -33.95
N GLU A 733 24.83 -6.74 -35.26
CA GLU A 733 25.88 -7.53 -35.87
C GLU A 733 27.23 -7.03 -35.38
N GLU A 734 28.13 -7.96 -35.06
CA GLU A 734 29.34 -7.60 -34.34
C GLU A 734 30.21 -6.62 -35.13
N LYS A 735 30.19 -6.72 -36.46
CA LYS A 735 30.91 -5.80 -37.32
C LYS A 735 30.04 -4.66 -37.83
N GLN A 736 29.01 -4.27 -37.09
CA GLN A 736 28.09 -3.23 -37.53
C GLN A 736 27.78 -2.16 -36.49
N ALA A 737 27.89 -2.47 -35.19
CA ALA A 737 27.32 -1.60 -34.17
C ALA A 737 28.03 -0.26 -34.06
N GLU A 738 29.33 -0.21 -34.37
CA GLU A 738 30.10 1.00 -34.11
C GLU A 738 29.67 2.15 -35.02
N SER A 739 29.07 1.87 -36.17
CA SER A 739 28.63 2.89 -37.10
C SER A 739 27.12 3.09 -37.12
N MET A 740 26.39 2.42 -36.24
CA MET A 740 24.93 2.56 -36.23
C MET A 740 24.54 3.87 -35.57
N PRO A 741 23.73 4.70 -36.22
CA PRO A 741 23.38 6.01 -35.66
C PRO A 741 22.26 5.97 -34.63
N GLU A 742 22.48 6.70 -33.54
CA GLU A 742 21.46 6.89 -32.52
C GLU A 742 21.46 8.37 -32.13
N ILE A 743 20.38 8.80 -31.48
CA ILE A 743 20.20 10.19 -31.09
C ILE A 743 20.38 10.27 -29.58
N GLU A 744 21.44 10.92 -29.14
CA GLU A 744 21.73 11.08 -27.72
C GLU A 744 21.93 12.53 -27.30
N THR A 745 22.58 13.34 -28.12
CA THR A 745 22.89 14.72 -27.75
C THR A 745 21.84 15.69 -28.29
N GLU A 746 21.80 16.88 -27.68
CA GLU A 746 20.74 17.83 -27.96
C GLU A 746 20.74 18.29 -29.41
N GLN A 747 21.91 18.44 -30.02
CA GLN A 747 21.97 18.86 -31.41
C GLN A 747 21.30 17.84 -32.33
N GLU A 748 21.53 16.55 -32.08
CA GLU A 748 20.88 15.52 -32.87
C GLU A 748 19.37 15.53 -32.66
N TYR A 749 18.92 15.75 -31.42
CA TYR A 749 17.49 15.86 -31.17
C TYR A 749 16.88 17.03 -31.93
N LYS A 750 17.56 18.17 -31.97
CA LYS A 750 17.05 19.32 -32.69
C LYS A 750 17.09 19.14 -34.20
N GLU A 751 18.06 18.41 -34.72
CA GLU A 751 18.13 18.17 -36.17
C GLU A 751 17.17 17.09 -36.63
N ILE A 752 16.84 16.13 -35.76
CA ILE A 752 16.14 14.91 -36.15
C ILE A 752 14.74 14.84 -35.57
N PHE A 753 14.61 15.05 -34.26
CA PHE A 753 13.38 14.73 -33.53
C PHE A 753 12.40 15.90 -33.45
N ILE A 754 12.57 16.92 -34.28
CA ILE A 754 11.68 18.08 -34.29
C ILE A 754 10.88 18.03 -35.59
N THR A 755 9.56 17.98 -35.47
CA THR A 755 8.65 17.94 -36.63
C THR A 755 7.46 18.85 -36.39
N PRO A 756 7.64 20.16 -36.56
CA PRO A 756 6.52 21.10 -36.35
C PRO A 756 5.31 20.84 -37.23
N HIS A 757 5.50 20.28 -38.43
CA HIS A 757 4.39 20.00 -39.32
C HIS A 757 3.61 18.75 -38.94
N GLN A 758 4.11 17.95 -38.01
CA GLN A 758 3.42 16.74 -37.55
C GLN A 758 2.92 16.88 -36.12
N ILE A 759 2.92 18.10 -35.58
CA ILE A 759 2.44 18.35 -34.22
C ILE A 759 1.31 19.37 -34.18
N LYS A 760 0.96 19.97 -35.31
CA LYS A 760 -0.16 20.91 -35.31
C LYS A 760 -1.49 20.18 -35.12
N HIS A 761 -1.50 18.87 -35.35
CA HIS A 761 -2.70 18.09 -35.12
C HIS A 761 -2.77 17.51 -33.71
N ILE A 762 -1.70 17.64 -32.92
CA ILE A 762 -1.71 17.14 -31.54
C ILE A 762 -1.87 18.29 -30.55
N LYS A 763 -1.12 19.38 -30.74
CA LYS A 763 -1.23 20.53 -29.85
C LYS A 763 -2.56 21.25 -30.04
N ASP A 764 -3.00 21.40 -31.29
CA ASP A 764 -4.18 22.17 -31.60
C ASP A 764 -5.45 21.34 -31.68
N PHE A 765 -5.37 20.04 -31.40
CA PHE A 765 -6.57 19.22 -31.41
C PHE A 765 -7.45 19.62 -30.22
N LYS A 766 -8.73 19.90 -30.51
CA LYS A 766 -9.67 20.29 -29.47
C LYS A 766 -11.03 19.64 -29.66
N ASP A 767 -11.07 18.41 -30.19
CA ASP A 767 -12.31 17.69 -30.44
C ASP A 767 -12.35 16.36 -29.69
N TYR A 768 -11.98 16.37 -28.42
CA TYR A 768 -11.88 15.14 -27.65
C TYR A 768 -13.26 14.56 -27.37
N LYS A 769 -13.26 13.28 -26.98
CA LYS A 769 -14.47 12.56 -26.61
C LYS A 769 -14.25 11.94 -25.23
N TYR A 770 -15.16 12.23 -24.31
CA TYR A 770 -15.00 11.81 -22.92
C TYR A 770 -16.09 10.83 -22.55
N SER A 771 -15.76 9.91 -21.65
CA SER A 771 -16.75 9.01 -21.07
C SER A 771 -16.23 8.51 -19.74
N HIS A 772 -17.09 8.56 -18.73
CA HIS A 772 -16.70 8.24 -17.37
C HIS A 772 -17.26 6.91 -16.92
N ARG A 773 -16.55 6.29 -16.00
CA ARG A 773 -16.89 4.96 -15.52
C ARG A 773 -18.06 5.04 -14.56
N VAL A 774 -19.15 4.35 -14.89
CA VAL A 774 -20.31 4.30 -14.02
C VAL A 774 -19.99 3.30 -12.92
N ASP A 775 -19.54 3.80 -11.77
CA ASP A 775 -19.10 2.94 -10.69
C ASP A 775 -20.33 2.33 -10.01
N LYS A 776 -21.11 1.62 -10.81
CA LYS A 776 -22.39 1.10 -10.39
C LYS A 776 -22.29 0.06 -9.29
N LYS A 777 -21.09 -0.24 -8.81
CA LYS A 777 -20.94 -1.30 -7.85
C LYS A 777 -21.73 -0.96 -6.59
N PRO A 778 -22.56 -1.86 -6.10
CA PRO A 778 -23.21 -1.67 -4.79
C PRO A 778 -22.21 -1.94 -3.66
N ASN A 779 -22.63 -1.60 -2.44
CA ASN A 779 -21.83 -1.80 -1.23
C ASN A 779 -20.48 -1.09 -1.34
N ARG A 780 -20.57 0.23 -1.27
CA ARG A 780 -19.40 1.09 -1.19
C ARG A 780 -19.51 1.95 0.06
N GLU A 781 -18.66 2.97 0.16
CA GLU A 781 -18.54 3.73 1.40
C GLU A 781 -19.83 4.45 1.72
N LEU A 782 -20.63 3.89 2.64
CA LEU A 782 -21.94 4.44 2.92
C LEU A 782 -21.86 5.74 3.71
N ILE A 783 -21.30 5.69 4.93
CA ILE A 783 -21.47 6.77 5.88
C ILE A 783 -20.31 6.75 6.85
N ASN A 784 -19.91 7.93 7.34
CA ASN A 784 -18.73 8.06 8.17
C ASN A 784 -18.98 7.47 9.57
N ASP A 785 -17.91 7.44 10.38
CA ASP A 785 -17.89 6.68 11.62
C ASP A 785 -17.80 7.52 12.89
N THR A 786 -17.39 8.78 12.82
CA THR A 786 -17.25 9.61 14.01
C THR A 786 -18.62 9.96 14.52
N LEU A 787 -19.12 9.17 15.47
CA LEU A 787 -20.44 9.42 16.02
C LEU A 787 -20.53 10.84 16.56
N TYR A 788 -21.76 11.35 16.64
CA TYR A 788 -21.97 12.70 17.14
C TYR A 788 -23.18 12.69 18.07
N SER A 789 -23.14 13.57 19.07
CA SER A 789 -24.17 13.67 20.09
C SER A 789 -24.95 14.96 19.93
N THR A 790 -26.18 14.96 20.44
CA THR A 790 -27.09 16.06 20.20
C THR A 790 -27.90 16.37 21.46
N ARG A 791 -28.12 17.66 21.67
CA ARG A 791 -28.78 18.19 22.87
C ARG A 791 -29.99 19.02 22.46
N LYS A 792 -30.79 19.38 23.47
CA LYS A 792 -32.00 20.19 23.29
C LYS A 792 -31.86 21.50 24.04
N ASP A 793 -32.49 22.54 23.50
CA ASP A 793 -32.40 23.89 24.06
C ASP A 793 -33.78 24.54 24.00
N ASP A 794 -33.79 25.87 24.18
CA ASP A 794 -35.06 26.59 24.33
C ASP A 794 -35.91 26.54 23.08
N LYS A 795 -35.31 26.84 21.91
CA LYS A 795 -36.09 26.89 20.68
C LYS A 795 -36.71 25.55 20.31
N GLY A 796 -36.14 24.44 20.75
CA GLY A 796 -36.66 23.12 20.45
C GLY A 796 -35.95 22.38 19.34
N ASN A 797 -34.88 22.95 18.78
CA ASN A 797 -34.11 22.25 17.77
C ASN A 797 -33.08 21.32 18.43
N THR A 798 -32.66 20.31 17.67
CA THR A 798 -31.61 19.41 18.12
C THR A 798 -30.27 19.97 17.69
N LEU A 799 -29.29 19.92 18.58
CA LEU A 799 -27.99 20.55 18.36
C LEU A 799 -26.88 19.51 18.41
N ILE A 800 -26.07 19.48 17.36
CA ILE A 800 -24.80 18.75 17.42
C ILE A 800 -23.90 19.38 18.46
N VAL A 801 -23.27 18.54 19.29
CA VAL A 801 -22.33 19.01 20.30
C VAL A 801 -20.92 18.60 19.86
N ASN A 802 -20.16 19.59 19.41
CA ASN A 802 -18.80 19.33 19.00
C ASN A 802 -17.90 19.25 20.23
N ASN A 803 -16.69 18.75 20.01
CA ASN A 803 -15.74 18.50 21.09
C ASN A 803 -14.37 19.06 20.71
N LEU A 804 -13.65 19.52 21.72
CA LEU A 804 -12.36 20.19 21.55
C LEU A 804 -11.37 19.57 22.52
N ASN A 805 -10.45 18.77 22.00
CA ASN A 805 -9.55 17.98 22.82
C ASN A 805 -8.11 18.43 22.61
N GLY A 806 -7.30 18.25 23.66
CA GLY A 806 -5.91 18.65 23.63
C GLY A 806 -5.70 20.13 23.85
N LEU A 807 -6.08 20.63 25.03
CA LEU A 807 -5.97 22.05 25.32
C LEU A 807 -4.54 22.47 25.63
N TYR A 808 -3.65 21.52 25.92
CA TYR A 808 -2.33 21.84 26.41
C TYR A 808 -1.37 22.33 25.34
N ASP A 809 -1.66 22.05 24.07
CA ASP A 809 -0.71 22.35 23.01
C ASP A 809 -0.41 23.83 22.93
N LYS A 810 0.85 24.15 22.63
CA LYS A 810 1.25 25.53 22.39
C LYS A 810 0.48 26.13 21.24
N ASP A 811 0.16 25.33 20.23
CA ASP A 811 -0.30 25.85 18.94
C ASP A 811 -1.79 25.62 18.68
N ASN A 812 -2.58 25.28 19.69
CA ASN A 812 -4.03 25.24 19.53
C ASN A 812 -4.58 26.66 19.71
N ASP A 813 -4.89 27.32 18.59
CA ASP A 813 -5.46 28.66 18.60
C ASP A 813 -6.98 28.67 18.49
N LYS A 814 -7.62 27.50 18.46
CA LYS A 814 -9.06 27.44 18.24
C LYS A 814 -9.83 28.07 19.39
N LEU A 815 -9.24 28.10 20.59
CA LEU A 815 -9.99 28.57 21.76
C LEU A 815 -10.33 30.05 21.65
N LYS A 816 -9.51 30.82 20.92
CA LYS A 816 -9.86 32.22 20.67
C LYS A 816 -11.23 32.34 20.04
N LYS A 817 -11.63 31.33 19.26
CA LYS A 817 -12.92 31.37 18.58
C LYS A 817 -14.09 31.15 19.52
N LEU A 818 -13.86 30.81 20.79
CA LEU A 818 -14.96 30.67 21.74
C LEU A 818 -15.16 31.92 22.59
N ILE A 819 -14.16 32.29 23.40
CA ILE A 819 -14.35 33.43 24.30
C ILE A 819 -14.37 34.73 23.53
N ASN A 820 -13.44 34.88 22.59
CA ASN A 820 -13.29 36.14 21.86
C ASN A 820 -14.28 36.28 20.72
N LYS A 821 -15.10 35.26 20.45
CA LYS A 821 -16.17 35.37 19.48
C LYS A 821 -17.55 35.26 20.11
N SER A 822 -17.85 34.14 20.79
CA SER A 822 -19.16 33.99 21.39
C SER A 822 -19.13 32.90 22.46
N PRO A 823 -18.75 33.23 23.69
CA PRO A 823 -18.67 32.20 24.74
C PRO A 823 -20.01 31.61 25.15
N GLU A 824 -21.12 32.16 24.65
CA GLU A 824 -22.43 31.61 24.98
C GLU A 824 -22.54 30.14 24.60
N LYS A 825 -21.85 29.72 23.54
CA LYS A 825 -22.04 28.38 23.01
C LYS A 825 -21.65 27.31 24.02
N LEU A 826 -20.52 27.51 24.70
CA LEU A 826 -19.94 26.47 25.54
C LEU A 826 -20.92 26.03 26.62
N LEU A 827 -20.88 24.75 26.95
CA LEU A 827 -21.77 24.25 27.99
C LEU A 827 -21.47 24.86 29.35
N MET A 828 -20.18 25.01 29.70
CA MET A 828 -19.87 25.60 30.98
C MET A 828 -20.16 27.10 31.06
N TYR A 829 -20.54 27.72 29.93
CA TYR A 829 -21.05 29.07 30.01
C TYR A 829 -22.34 29.13 30.83
N HIS A 830 -23.17 28.10 30.74
CA HIS A 830 -24.39 28.05 31.53
C HIS A 830 -24.18 27.29 32.83
N HIS A 831 -23.65 26.07 32.75
CA HIS A 831 -23.47 25.26 33.94
C HIS A 831 -22.05 25.43 34.47
N ASP A 832 -21.91 25.27 35.78
CA ASP A 832 -20.66 25.52 36.49
C ASP A 832 -20.10 26.92 36.20
N PRO A 833 -20.85 27.98 36.53
CA PRO A 833 -20.33 29.33 36.29
C PRO A 833 -19.07 29.64 37.06
N GLN A 834 -18.88 29.02 38.23
CA GLN A 834 -17.67 29.26 39.01
C GLN A 834 -16.44 28.79 38.24
N THR A 835 -16.50 27.59 37.67
CA THR A 835 -15.44 27.12 36.80
C THR A 835 -15.31 27.98 35.57
N TYR A 836 -16.42 28.53 35.08
CA TYR A 836 -16.33 29.45 33.96
C TYR A 836 -15.49 30.66 34.32
N GLN A 837 -15.70 31.21 35.52
CA GLN A 837 -14.89 32.33 35.97
C GLN A 837 -13.44 31.93 36.15
N LYS A 838 -13.21 30.73 36.68
CA LYS A 838 -11.85 30.22 36.78
C LYS A 838 -11.16 30.23 35.43
N LEU A 839 -11.82 29.71 34.41
CA LEU A 839 -11.29 29.78 33.04
C LEU A 839 -11.14 31.21 32.56
N LYS A 840 -12.12 32.06 32.85
CA LYS A 840 -12.11 33.43 32.37
C LYS A 840 -10.92 34.21 32.89
N LEU A 841 -10.45 33.87 34.09
CA LEU A 841 -9.25 34.50 34.61
C LEU A 841 -8.07 34.30 33.65
N ILE A 842 -7.80 33.05 33.28
CA ILE A 842 -6.72 32.77 32.34
C ILE A 842 -7.01 33.41 31.00
N MET A 843 -8.27 33.35 30.57
CA MET A 843 -8.62 33.87 29.25
C MET A 843 -8.34 35.36 29.15
N GLU A 844 -8.62 36.12 30.22
CA GLU A 844 -8.44 37.56 30.17
C GLU A 844 -7.00 37.96 30.43
N GLN A 845 -6.29 37.22 31.31
CA GLN A 845 -4.93 37.62 31.63
C GLN A 845 -3.97 37.40 30.47
N TYR A 846 -4.38 36.63 29.46
CA TYR A 846 -3.56 36.31 28.30
C TYR A 846 -4.32 36.59 27.01
N GLY A 847 -4.93 37.76 26.92
CA GLY A 847 -5.77 38.08 25.78
C GLY A 847 -5.05 38.48 24.50
N ASP A 848 -3.73 38.61 24.53
CA ASP A 848 -2.95 39.01 23.36
C ASP A 848 -1.88 37.97 23.04
N GLU A 849 -2.26 36.70 23.06
CA GLU A 849 -1.33 35.61 22.78
C GLU A 849 -1.90 34.69 21.70
N LYS A 850 -1.19 33.60 21.41
CA LYS A 850 -1.72 32.56 20.54
C LYS A 850 -2.56 31.56 21.32
N ASN A 851 -1.95 30.89 22.28
CA ASN A 851 -2.66 29.95 23.15
C ASN A 851 -2.49 30.43 24.58
N PRO A 852 -3.52 31.04 25.19
CA PRO A 852 -3.36 31.52 26.58
C PRO A 852 -3.00 30.41 27.54
N LEU A 853 -3.40 29.17 27.28
CA LEU A 853 -3.09 28.09 28.22
C LEU A 853 -1.60 27.77 28.22
N TYR A 854 -0.95 27.81 27.06
CA TYR A 854 0.50 27.55 27.05
C TYR A 854 1.26 28.72 27.66
N LYS A 855 0.75 29.94 27.49
CA LYS A 855 1.29 31.08 28.21
C LYS A 855 1.20 30.85 29.71
N TYR A 856 0.05 30.34 30.18
CA TYR A 856 -0.11 30.00 31.59
C TYR A 856 0.89 28.95 32.02
N TYR A 857 1.10 27.93 31.19
CA TYR A 857 2.07 26.89 31.51
C TYR A 857 3.48 27.43 31.61
N GLU A 858 3.88 28.31 30.68
CA GLU A 858 5.18 28.95 30.79
C GLU A 858 5.29 29.75 32.08
N GLU A 859 4.27 30.56 32.39
CA GLU A 859 4.36 31.50 33.48
C GLU A 859 4.17 30.86 34.85
N THR A 860 3.64 29.64 34.91
CA THR A 860 3.43 28.98 36.20
C THR A 860 3.98 27.56 36.27
N GLY A 861 4.53 27.03 35.18
CA GLY A 861 5.07 25.69 35.18
C GLY A 861 4.06 24.57 35.28
N ASN A 862 2.80 24.88 35.53
CA ASN A 862 1.74 23.88 35.57
C ASN A 862 0.55 24.41 34.77
N TYR A 863 -0.20 23.48 34.18
CA TYR A 863 -1.31 23.85 33.31
C TYR A 863 -2.51 24.29 34.15
N LEU A 864 -3.64 24.47 33.48
CA LEU A 864 -4.86 24.86 34.18
C LEU A 864 -5.36 23.71 35.05
N THR A 865 -6.09 24.05 36.09
CA THR A 865 -6.57 23.08 37.06
C THR A 865 -8.09 22.99 37.02
N LYS A 866 -8.59 21.76 37.14
CA LYS A 866 -10.03 21.55 37.28
C LYS A 866 -10.54 22.33 38.49
N TYR A 867 -11.56 23.16 38.27
CA TYR A 867 -12.01 24.03 39.34
C TYR A 867 -12.79 23.25 40.38
N SER A 868 -12.57 23.59 41.64
CA SER A 868 -13.18 22.94 42.78
C SER A 868 -12.89 23.81 44.00
N LYS A 869 -13.15 23.26 45.19
CA LYS A 869 -12.97 24.02 46.42
C LYS A 869 -11.53 24.50 46.59
N LYS A 870 -10.55 23.61 46.45
CA LYS A 870 -9.17 23.91 46.80
C LYS A 870 -8.34 24.37 45.61
N ASP A 871 -8.93 24.50 44.43
CA ASP A 871 -8.29 24.90 43.19
C ASP A 871 -7.22 23.92 42.72
N ASN A 872 -7.11 22.76 43.36
CA ASN A 872 -6.09 21.76 43.00
C ASN A 872 -6.71 20.68 42.10
N GLY A 873 -7.08 21.11 40.89
CA GLY A 873 -7.77 20.23 39.98
C GLY A 873 -6.91 19.69 38.86
N PRO A 874 -7.31 18.55 38.31
CA PRO A 874 -6.55 17.96 37.20
C PRO A 874 -6.53 18.87 35.97
N VAL A 875 -5.46 18.72 35.21
CA VAL A 875 -5.26 19.53 34.01
C VAL A 875 -6.42 19.34 33.03
N ILE A 876 -6.77 20.41 32.32
CA ILE A 876 -7.90 20.38 31.40
C ILE A 876 -7.39 20.23 29.97
N LYS A 877 -8.02 19.33 29.22
CA LYS A 877 -7.65 19.08 27.83
C LYS A 877 -8.84 18.93 26.89
N LYS A 878 -10.06 18.78 27.38
CA LYS A 878 -11.23 18.53 26.55
C LYS A 878 -12.38 19.44 26.97
N ILE A 879 -13.18 19.85 25.99
CA ILE A 879 -14.30 20.78 26.17
C ILE A 879 -15.41 20.40 25.21
N LYS A 880 -16.61 20.14 25.73
CA LYS A 880 -17.80 19.98 24.90
C LYS A 880 -18.41 21.35 24.64
N TYR A 881 -19.01 21.53 23.47
CA TYR A 881 -19.65 22.81 23.19
C TYR A 881 -20.67 22.66 22.08
N TYR A 882 -21.54 23.67 21.97
CA TYR A 882 -22.72 23.59 21.12
C TYR A 882 -22.40 23.90 19.66
N GLY A 883 -23.13 23.23 18.77
CA GLY A 883 -22.93 23.37 17.34
C GLY A 883 -24.20 23.69 16.58
N ASN A 884 -24.56 22.84 15.62
CA ASN A 884 -25.56 23.16 14.61
C ASN A 884 -26.88 22.47 14.89
N LYS A 885 -27.96 23.09 14.42
CA LYS A 885 -29.26 22.44 14.35
C LYS A 885 -29.21 21.40 13.25
N LEU A 886 -29.96 20.32 13.42
CA LEU A 886 -29.78 19.13 12.60
C LEU A 886 -31.06 18.76 11.86
N ASN A 887 -31.01 18.70 10.53
CA ASN A 887 -32.10 18.21 9.71
C ASN A 887 -31.75 16.94 8.93
N ALA A 888 -30.70 16.98 8.13
CA ALA A 888 -30.34 15.84 7.28
C ALA A 888 -29.20 15.07 7.95
N HIS A 889 -29.46 13.81 8.26
CA HIS A 889 -28.66 13.05 9.20
C HIS A 889 -28.97 11.58 9.00
N LEU A 890 -28.52 10.75 9.95
CA LEU A 890 -28.99 9.39 10.07
C LEU A 890 -29.29 9.13 11.53
N ASP A 891 -30.57 9.13 11.88
CA ASP A 891 -30.99 8.90 13.26
C ASP A 891 -30.53 7.51 13.67
N ILE A 892 -29.59 7.45 14.62
CA ILE A 892 -28.96 6.18 14.97
C ILE A 892 -29.09 5.98 16.48
N THR A 893 -30.03 6.69 17.11
CA THR A 893 -30.27 6.49 18.53
C THR A 893 -30.90 5.14 18.81
N ASP A 894 -31.07 4.30 17.79
CA ASP A 894 -31.66 2.99 17.97
C ASP A 894 -30.78 2.05 18.77
N ASP A 895 -29.46 2.12 18.57
CA ASP A 895 -28.56 1.15 19.20
C ASP A 895 -28.28 1.45 20.67
N TYR A 896 -27.92 2.68 21.02
CA TYR A 896 -27.68 2.97 22.43
C TYR A 896 -29.00 2.97 23.19
N PRO A 897 -29.13 2.11 24.20
CA PRO A 897 -30.30 2.21 25.07
C PRO A 897 -30.19 3.41 26.00
N ASN A 898 -31.34 3.85 26.49
CA ASN A 898 -31.43 4.82 27.59
C ASN A 898 -30.94 6.22 27.21
N SER A 899 -30.58 6.45 25.95
CA SER A 899 -30.04 7.74 25.56
C SER A 899 -31.02 8.85 25.87
N ARG A 900 -30.67 9.71 26.82
CA ARG A 900 -31.53 10.83 27.18
C ARG A 900 -31.70 11.82 26.04
N ASN A 901 -30.80 11.81 25.07
CA ASN A 901 -30.98 12.58 23.84
C ASN A 901 -30.31 11.83 22.70
N LYS A 902 -30.79 12.10 21.49
CA LYS A 902 -30.48 11.26 20.34
C LYS A 902 -29.03 11.40 19.92
N VAL A 903 -28.56 10.38 19.20
CA VAL A 903 -27.20 10.31 18.68
C VAL A 903 -27.27 10.10 17.18
N VAL A 904 -26.38 10.76 16.45
CA VAL A 904 -26.46 10.78 15.00
C VAL A 904 -25.09 10.52 14.41
N LYS A 905 -25.09 9.88 13.25
CA LYS A 905 -23.93 9.86 12.38
C LYS A 905 -24.01 11.07 11.47
N LEU A 906 -23.19 11.11 10.42
CA LEU A 906 -23.16 12.31 9.59
C LEU A 906 -22.77 11.94 8.16
N SER A 907 -23.16 12.83 7.23
CA SER A 907 -22.65 12.86 5.86
C SER A 907 -22.95 11.56 5.10
N LEU A 908 -24.23 11.36 4.82
CA LEU A 908 -24.64 10.26 3.95
C LEU A 908 -24.04 10.44 2.56
N LYS A 909 -23.99 9.35 1.80
CA LYS A 909 -23.36 9.36 0.47
C LYS A 909 -24.35 8.92 -0.59
N PRO A 910 -24.68 9.76 -1.57
CA PRO A 910 -25.67 9.38 -2.58
C PRO A 910 -25.08 8.48 -3.63
N TYR A 911 -25.89 7.53 -4.09
CA TYR A 911 -25.49 6.60 -5.13
C TYR A 911 -26.00 7.02 -6.51
N ARG A 912 -27.28 7.31 -6.63
CA ARG A 912 -27.87 7.67 -7.92
C ARG A 912 -29.09 8.52 -7.67
N PHE A 913 -29.64 9.10 -8.73
CA PHE A 913 -30.92 9.77 -8.58
C PHE A 913 -31.79 9.60 -9.83
N ASP A 914 -32.91 10.31 -9.82
CA ASP A 914 -34.02 10.08 -10.74
C ASP A 914 -34.74 11.37 -10.99
N VAL A 915 -34.88 11.75 -12.28
CA VAL A 915 -35.58 12.97 -12.64
C VAL A 915 -37.00 12.62 -13.05
N TYR A 916 -37.95 13.44 -12.62
CA TYR A 916 -39.34 13.30 -13.03
C TYR A 916 -39.82 14.65 -13.56
N LEU A 917 -40.79 14.61 -14.49
CA LEU A 917 -41.30 15.82 -15.11
C LEU A 917 -42.80 15.91 -14.92
N ASP A 918 -43.21 16.69 -13.92
CA ASP A 918 -44.62 16.98 -13.64
C ASP A 918 -44.98 18.27 -14.39
N ASN A 919 -45.65 18.09 -15.54
CA ASN A 919 -46.20 19.16 -16.38
C ASN A 919 -45.13 20.12 -16.89
N GLY A 920 -44.50 20.90 -16.01
CA GLY A 920 -43.48 21.83 -16.43
C GLY A 920 -42.37 21.97 -15.41
N VAL A 921 -42.36 21.08 -14.43
CA VAL A 921 -41.47 21.15 -13.28
C VAL A 921 -40.78 19.82 -13.13
N TYR A 922 -39.45 19.84 -13.00
CA TYR A 922 -38.71 18.60 -12.78
C TYR A 922 -38.44 18.43 -11.29
N LYS A 923 -38.69 17.22 -10.79
CA LYS A 923 -38.52 16.87 -9.40
C LYS A 923 -37.56 15.70 -9.25
N PHE A 924 -36.85 15.67 -8.13
CA PHE A 924 -35.80 14.68 -7.89
C PHE A 924 -36.26 13.59 -6.94
N VAL A 925 -35.66 12.41 -7.11
CA VAL A 925 -35.66 11.38 -6.09
C VAL A 925 -34.24 10.84 -6.01
N THR A 926 -33.77 10.57 -4.80
CA THR A 926 -32.40 10.14 -4.57
C THR A 926 -32.37 8.72 -4.05
N VAL A 927 -31.59 7.86 -4.68
CA VAL A 927 -31.28 6.54 -4.18
C VAL A 927 -29.91 6.63 -3.52
N LYS A 928 -29.88 6.54 -2.20
CA LYS A 928 -28.64 6.64 -1.46
C LYS A 928 -27.83 5.37 -1.69
N ASN A 929 -26.67 5.28 -1.04
CA ASN A 929 -25.97 4.02 -0.99
C ASN A 929 -26.48 3.12 0.13
N LEU A 930 -27.45 3.57 0.91
CA LEU A 930 -28.07 2.74 1.92
C LEU A 930 -29.25 1.95 1.38
N ASP A 931 -29.61 2.15 0.12
CA ASP A 931 -30.86 1.65 -0.46
C ASP A 931 -30.68 0.32 -1.17
N VAL A 932 -29.79 -0.54 -0.69
CA VAL A 932 -29.40 -1.76 -1.38
C VAL A 932 -29.57 -2.93 -0.43
N ILE A 933 -30.14 -4.03 -0.92
CA ILE A 933 -30.38 -5.25 -0.14
C ILE A 933 -29.59 -6.39 -0.77
N LYS A 934 -28.95 -7.20 0.07
CA LYS A 934 -28.21 -8.37 -0.38
C LYS A 934 -29.11 -9.58 -0.44
N LYS A 935 -29.15 -10.25 -1.59
CA LYS A 935 -29.83 -11.52 -1.74
C LYS A 935 -29.00 -12.40 -2.67
N GLU A 936 -28.60 -13.58 -2.19
CA GLU A 936 -27.78 -14.51 -2.96
C GLU A 936 -26.55 -13.80 -3.52
N ASN A 937 -26.50 -13.64 -4.84
CA ASN A 937 -25.37 -12.99 -5.50
C ASN A 937 -25.72 -11.66 -6.14
N TYR A 938 -26.87 -11.08 -5.81
CA TYR A 938 -27.27 -9.82 -6.39
C TYR A 938 -27.83 -8.89 -5.31
N TYR A 939 -28.02 -7.64 -5.72
CA TYR A 939 -28.41 -6.56 -4.82
C TYR A 939 -29.61 -5.83 -5.40
N GLU A 940 -30.64 -5.68 -4.57
CA GLU A 940 -31.92 -5.12 -4.98
C GLU A 940 -32.11 -3.75 -4.34
N VAL A 941 -32.47 -2.76 -5.15
CA VAL A 941 -32.81 -1.45 -4.62
C VAL A 941 -34.14 -1.57 -3.88
N ASN A 942 -34.10 -1.49 -2.55
CA ASN A 942 -35.32 -1.62 -1.76
C ASN A 942 -36.28 -0.49 -2.13
N SER A 943 -37.37 -0.84 -2.80
CA SER A 943 -38.25 0.19 -3.36
C SER A 943 -39.03 0.93 -2.30
N LYS A 944 -39.09 0.43 -1.06
CA LYS A 944 -39.86 1.13 -0.02
C LYS A 944 -39.28 2.51 0.25
N CYS A 945 -37.97 2.58 0.52
CA CYS A 945 -37.33 3.87 0.71
C CYS A 945 -37.40 4.71 -0.56
N TYR A 946 -37.35 4.06 -1.72
CA TYR A 946 -37.41 4.82 -2.97
C TYR A 946 -38.76 5.53 -3.11
N GLU A 947 -39.86 4.79 -2.96
CA GLU A 947 -41.18 5.38 -3.07
C GLU A 947 -41.47 6.33 -1.92
N GLU A 948 -40.81 6.17 -0.77
CA GLU A 948 -40.87 7.19 0.27
C GLU A 948 -40.04 8.41 -0.08
N ALA A 949 -39.12 8.29 -1.04
CA ALA A 949 -38.33 9.44 -1.48
C ALA A 949 -38.95 10.14 -2.67
N LYS A 950 -40.09 9.66 -3.17
CA LYS A 950 -40.82 10.39 -4.20
C LYS A 950 -42.07 11.07 -3.65
N LYS A 951 -42.75 10.43 -2.70
CA LYS A 951 -43.90 11.06 -2.08
C LYS A 951 -43.51 12.30 -1.30
N LEU A 952 -42.42 12.22 -0.53
CA LEU A 952 -41.98 13.36 0.26
C LEU A 952 -41.43 14.48 -0.62
N LYS A 953 -41.20 14.23 -1.90
CA LYS A 953 -40.89 15.28 -2.85
C LYS A 953 -42.15 15.81 -3.54
N LYS A 954 -43.31 15.22 -3.26
CA LYS A 954 -44.57 15.62 -3.87
C LYS A 954 -44.49 15.54 -5.40
N ILE A 955 -44.29 14.31 -5.87
CA ILE A 955 -44.13 14.03 -7.29
C ILE A 955 -45.39 13.34 -7.79
N SER A 956 -45.97 13.89 -8.85
CA SER A 956 -47.23 13.39 -9.38
C SER A 956 -47.03 12.03 -10.06
N ASN A 957 -48.09 11.22 -10.05
CA ASN A 957 -48.09 9.97 -10.80
C ASN A 957 -47.97 10.21 -12.30
N GLN A 958 -48.45 11.36 -12.78
CA GLN A 958 -48.35 11.73 -14.18
C GLN A 958 -47.05 12.44 -14.52
N ALA A 959 -46.15 12.60 -13.55
CA ALA A 959 -44.84 13.17 -13.84
C ALA A 959 -44.11 12.30 -14.84
N GLU A 960 -43.47 12.95 -15.82
CA GLU A 960 -42.90 12.24 -16.96
C GLU A 960 -41.45 11.86 -16.66
N PHE A 961 -41.19 10.56 -16.62
CA PHE A 961 -39.84 10.07 -16.38
C PHE A 961 -38.92 10.52 -17.50
N ILE A 962 -37.76 11.05 -17.14
CA ILE A 962 -36.70 11.36 -18.08
C ILE A 962 -35.60 10.31 -18.02
N ALA A 963 -34.96 10.17 -16.86
CA ALA A 963 -33.80 9.30 -16.76
C ALA A 963 -33.46 9.07 -15.30
N SER A 964 -32.85 7.92 -15.05
CA SER A 964 -32.09 7.68 -13.83
C SER A 964 -30.63 7.95 -14.11
N PHE A 965 -30.01 8.73 -13.23
CA PHE A 965 -28.61 9.09 -13.39
C PHE A 965 -27.77 8.35 -12.37
N TYR A 966 -26.68 7.74 -12.85
CA TYR A 966 -25.62 7.20 -12.03
C TYR A 966 -24.47 8.21 -11.96
N ASN A 967 -23.41 7.79 -11.27
CA ASN A 967 -22.28 8.68 -11.03
C ASN A 967 -21.59 9.06 -12.34
N ASN A 968 -21.29 10.35 -12.48
CA ASN A 968 -20.56 10.87 -13.63
C ASN A 968 -21.24 10.57 -14.95
N ASP A 969 -22.57 10.66 -15.01
CA ASP A 969 -23.29 10.57 -16.27
C ASP A 969 -23.24 11.92 -16.99
N LEU A 970 -24.06 12.09 -18.01
CA LEU A 970 -24.19 13.37 -18.70
C LEU A 970 -25.63 13.86 -18.58
N ILE A 971 -25.84 14.88 -17.75
CA ILE A 971 -27.14 15.44 -17.49
C ILE A 971 -27.27 16.69 -18.35
N LYS A 972 -28.36 16.79 -19.11
CA LYS A 972 -28.65 17.96 -19.92
C LYS A 972 -29.52 18.89 -19.07
N ILE A 973 -28.92 19.97 -18.57
CA ILE A 973 -29.61 20.93 -17.71
C ILE A 973 -29.60 22.27 -18.43
N ASN A 974 -30.63 22.49 -19.25
CA ASN A 974 -31.17 23.80 -19.58
C ASN A 974 -30.18 24.75 -20.23
N GLY A 975 -28.88 24.49 -20.06
CA GLY A 975 -27.89 25.16 -20.86
C GLY A 975 -26.60 24.37 -21.04
N GLU A 976 -26.46 23.23 -20.37
CA GLU A 976 -25.17 22.57 -20.35
C GLU A 976 -25.36 21.07 -20.11
N LEU A 977 -24.23 20.37 -20.05
CA LEU A 977 -24.14 18.96 -19.67
C LEU A 977 -23.25 18.84 -18.44
N TYR A 978 -23.63 17.95 -17.52
CA TYR A 978 -22.95 17.87 -16.24
C TYR A 978 -22.77 16.42 -15.82
N ARG A 979 -21.85 16.20 -14.89
CA ARG A 979 -21.57 14.86 -14.36
C ARG A 979 -22.14 14.73 -12.96
N VAL A 980 -22.91 13.67 -12.72
CA VAL A 980 -23.37 13.39 -11.37
C VAL A 980 -22.16 13.22 -10.47
N ILE A 981 -22.04 14.08 -9.47
CA ILE A 981 -21.21 13.80 -8.32
C ILE A 981 -22.04 13.21 -7.19
N GLY A 982 -23.18 13.83 -6.93
CA GLY A 982 -24.11 13.29 -5.95
C GLY A 982 -25.21 14.28 -5.67
N VAL A 983 -26.21 13.80 -4.94
CA VAL A 983 -27.27 14.68 -4.47
C VAL A 983 -26.77 15.34 -3.20
N ASN A 984 -26.36 16.61 -3.32
CA ASN A 984 -25.75 17.31 -2.19
C ASN A 984 -26.69 17.36 -1.00
N ASN A 985 -27.95 17.75 -1.22
CA ASN A 985 -28.95 17.78 -0.15
C ASN A 985 -30.29 17.40 -0.74
N ASP A 986 -30.89 16.33 -0.22
CA ASP A 986 -32.20 15.93 -0.70
C ASP A 986 -33.29 16.88 -0.23
N LEU A 987 -33.27 17.24 1.06
CA LEU A 987 -34.34 18.08 1.60
C LEU A 987 -34.39 19.44 0.91
N LEU A 988 -33.24 20.07 0.74
CA LEU A 988 -33.17 21.27 -0.07
C LEU A 988 -33.32 21.00 -1.56
N ASN A 989 -33.24 19.73 -1.99
CA ASN A 989 -33.07 19.39 -3.40
C ASN A 989 -31.86 20.10 -3.97
N ARG A 990 -30.82 20.23 -3.15
CA ARG A 990 -29.54 20.74 -3.59
C ARG A 990 -28.67 19.57 -4.02
N ILE A 991 -28.08 19.69 -5.20
CA ILE A 991 -27.32 18.62 -5.82
C ILE A 991 -25.95 19.14 -6.20
N GLU A 992 -24.92 18.32 -6.05
CA GLU A 992 -23.56 18.72 -6.40
C GLU A 992 -23.12 17.91 -7.60
N VAL A 993 -22.65 18.61 -8.63
CA VAL A 993 -22.21 18.04 -9.89
C VAL A 993 -21.02 18.85 -10.38
N ASN A 994 -20.39 18.34 -11.45
CA ASN A 994 -19.12 18.84 -11.96
C ASN A 994 -19.16 18.91 -13.48
N MET A 995 -18.22 19.69 -14.03
CA MET A 995 -18.03 19.86 -15.45
C MET A 995 -17.52 18.57 -16.09
N ILE A 996 -17.55 18.54 -17.42
CA ILE A 996 -17.11 17.39 -18.19
C ILE A 996 -15.82 17.66 -18.93
N ASP A 997 -15.68 18.85 -19.52
CA ASP A 997 -14.51 19.14 -20.37
C ASP A 997 -13.24 19.37 -19.56
N ILE A 998 -13.35 19.77 -18.30
CA ILE A 998 -12.18 20.13 -17.50
C ILE A 998 -12.58 20.08 -16.04
N THR A 999 -11.60 19.90 -15.17
CA THR A 999 -11.84 20.00 -13.74
C THR A 999 -12.34 21.40 -13.40
N TYR A 1000 -13.41 21.47 -12.61
CA TYR A 1000 -14.00 22.78 -12.34
C TYR A 1000 -13.16 23.60 -11.38
N ARG A 1001 -12.35 22.96 -10.54
CA ARG A 1001 -11.28 23.69 -9.87
C ARG A 1001 -10.35 24.30 -10.90
N GLU A 1002 -9.83 23.47 -11.80
CA GLU A 1002 -8.96 23.97 -12.86
C GLU A 1002 -9.70 24.91 -13.79
N TYR A 1003 -11.03 24.77 -13.90
CA TYR A 1003 -11.80 25.75 -14.65
C TYR A 1003 -11.84 27.09 -13.92
N LEU A 1004 -11.94 27.05 -12.59
CA LEU A 1004 -11.90 28.28 -11.82
C LEU A 1004 -10.55 28.98 -11.99
N GLU A 1005 -9.45 28.24 -11.87
CA GLU A 1005 -8.17 28.88 -12.19
C GLU A 1005 -8.00 29.19 -13.67
N ASN A 1006 -8.83 28.61 -14.54
CA ASN A 1006 -8.91 29.11 -15.92
C ASN A 1006 -9.52 30.51 -15.94
N MET A 1007 -10.45 30.79 -15.02
CA MET A 1007 -10.91 32.15 -14.80
C MET A 1007 -10.33 32.80 -13.55
N ASN A 1008 -9.46 32.09 -12.81
CA ASN A 1008 -8.81 32.61 -11.61
C ASN A 1008 -9.83 33.10 -10.59
N ASP A 1009 -10.93 32.37 -10.44
CA ASP A 1009 -11.97 32.74 -9.49
C ASP A 1009 -11.65 32.18 -8.10
N LYS A 1010 -12.52 32.50 -7.14
CA LYS A 1010 -12.23 32.24 -5.73
C LYS A 1010 -13.30 31.44 -5.00
N ARG A 1011 -14.50 31.28 -5.58
CA ARG A 1011 -15.53 30.49 -4.93
C ARG A 1011 -15.15 29.01 -4.92
N PRO A 1012 -15.70 28.22 -4.00
CA PRO A 1012 -15.40 26.80 -3.98
C PRO A 1012 -15.84 26.14 -5.27
N PRO A 1013 -15.06 25.18 -5.77
CA PRO A 1013 -15.38 24.52 -7.05
C PRO A 1013 -16.43 23.41 -6.89
N ARG A 1014 -17.66 23.81 -6.62
CA ARG A 1014 -18.76 22.88 -6.37
C ARG A 1014 -19.95 23.32 -7.21
N ILE A 1015 -20.35 22.51 -8.19
CA ILE A 1015 -21.44 22.91 -9.07
C ILE A 1015 -22.72 22.45 -8.37
N ILE A 1016 -23.22 23.28 -7.47
CA ILE A 1016 -24.38 22.93 -6.65
C ILE A 1016 -25.60 23.66 -7.17
N LYS A 1017 -26.67 22.92 -7.41
CA LYS A 1017 -27.90 23.46 -7.98
C LYS A 1017 -29.09 22.98 -7.16
N THR A 1018 -30.02 23.88 -6.89
CA THR A 1018 -31.22 23.57 -6.14
C THR A 1018 -32.38 23.31 -7.09
N ILE A 1019 -33.17 22.29 -6.80
CA ILE A 1019 -34.22 21.84 -7.70
C ILE A 1019 -35.59 22.21 -7.14
N ALA A 1020 -36.39 22.87 -7.97
CA ALA A 1020 -37.68 23.42 -7.57
C ALA A 1020 -38.52 23.59 -8.84
N SER A 1021 -39.60 24.38 -8.72
CA SER A 1021 -40.49 24.60 -9.86
C SER A 1021 -39.78 25.24 -11.04
N LYS A 1022 -38.66 25.92 -10.83
CA LYS A 1022 -38.01 26.67 -11.91
C LYS A 1022 -37.31 25.77 -12.93
N THR A 1023 -37.44 24.46 -12.84
CA THR A 1023 -36.83 23.57 -13.81
C THR A 1023 -37.55 23.66 -15.15
N GLN A 1024 -36.77 23.58 -16.23
CA GLN A 1024 -37.34 23.69 -17.57
C GLN A 1024 -37.05 22.51 -18.48
N SER A 1025 -35.83 21.96 -18.44
CA SER A 1025 -35.50 20.85 -19.31
C SER A 1025 -34.34 20.08 -18.70
N ILE A 1026 -34.62 18.90 -18.15
CA ILE A 1026 -33.60 18.00 -17.64
C ILE A 1026 -33.67 16.72 -18.46
N LYS A 1027 -32.57 16.39 -19.13
CA LYS A 1027 -32.53 15.25 -20.03
C LYS A 1027 -31.28 14.43 -19.73
N LYS A 1028 -31.19 13.25 -20.35
CA LYS A 1028 -30.01 12.40 -20.26
C LYS A 1028 -29.33 12.31 -21.61
N TYR A 1029 -28.08 12.74 -21.66
CA TYR A 1029 -27.17 12.37 -22.73
C TYR A 1029 -26.14 11.44 -22.13
N SER A 1030 -25.36 10.78 -22.99
CA SER A 1030 -24.38 9.83 -22.49
C SER A 1030 -23.30 9.64 -23.55
N THR A 1031 -22.28 8.86 -23.19
CA THR A 1031 -21.10 8.69 -24.03
C THR A 1031 -20.65 7.23 -24.02
N ASP A 1032 -20.10 6.81 -25.15
CA ASP A 1032 -19.66 5.44 -25.39
C ASP A 1032 -18.19 5.27 -24.99
N ILE A 1033 -17.66 4.05 -25.20
CA ILE A 1033 -16.35 3.68 -24.66
C ILE A 1033 -15.25 4.60 -25.18
N LEU A 1034 -15.40 5.14 -26.38
CA LEU A 1034 -14.49 6.19 -26.81
C LEU A 1034 -14.85 7.53 -26.19
N GLY A 1035 -16.14 7.84 -26.08
CA GLY A 1035 -16.57 9.09 -25.49
C GLY A 1035 -17.46 9.92 -26.39
N ASN A 1036 -18.00 9.31 -27.44
CA ASN A 1036 -18.84 10.01 -28.39
C ASN A 1036 -20.23 10.24 -27.77
N LEU A 1037 -20.94 11.24 -28.26
CA LEU A 1037 -22.13 11.76 -27.60
C LEU A 1037 -23.40 11.18 -28.21
N TYR A 1038 -24.41 10.96 -27.36
CA TYR A 1038 -25.70 10.45 -27.81
C TYR A 1038 -26.71 10.73 -26.71
N GLU A 1039 -27.91 10.13 -26.85
CA GLU A 1039 -28.94 10.23 -25.84
C GLU A 1039 -29.60 8.87 -25.65
N VAL A 1040 -30.24 8.69 -24.51
CA VAL A 1040 -30.93 7.45 -24.16
C VAL A 1040 -32.37 7.75 -23.81
N LYS A 1041 -33.28 6.90 -24.26
CA LYS A 1041 -34.69 7.08 -23.99
C LYS A 1041 -35.25 5.86 -23.29
N SER A 1042 -34.56 5.38 -22.25
CA SER A 1042 -35.03 4.22 -21.52
C SER A 1042 -36.35 4.53 -20.84
N LYS A 1043 -37.16 3.49 -20.66
CA LYS A 1043 -38.56 3.68 -20.28
C LYS A 1043 -38.79 3.61 -18.78
N LYS A 1044 -38.09 2.73 -18.07
CA LYS A 1044 -38.33 2.51 -16.65
C LYS A 1044 -37.11 2.86 -15.82
N HIS A 1045 -37.38 3.23 -14.57
CA HIS A 1045 -36.32 3.39 -13.58
C HIS A 1045 -35.60 2.06 -13.39
N PRO A 1046 -34.28 2.00 -13.53
CA PRO A 1046 -33.56 0.73 -13.30
C PRO A 1046 -33.82 0.21 -11.90
N GLN A 1047 -34.25 -1.05 -11.83
CA GLN A 1047 -34.59 -1.68 -10.56
C GLN A 1047 -33.62 -2.77 -10.15
N ILE A 1048 -33.02 -3.47 -11.10
CA ILE A 1048 -32.10 -4.56 -10.78
C ILE A 1048 -30.69 -4.11 -11.08
N ILE A 1049 -29.75 -4.64 -10.31
CA ILE A 1049 -28.36 -4.17 -10.30
C ILE A 1049 -27.49 -5.24 -10.94
N LYS A 1050 -26.82 -4.87 -12.03
CA LYS A 1050 -25.94 -5.79 -12.74
C LYS A 1050 -24.65 -5.95 -11.95
N LYS A 1051 -24.21 -7.20 -11.80
CA LYS A 1051 -23.01 -7.53 -11.05
C LYS A 1051 -21.91 -7.97 -12.01
N GLY A 1052 -20.68 -7.63 -11.66
CA GLY A 1052 -19.53 -8.01 -12.47
C GLY A 1052 -18.75 -6.82 -12.99
MG MG E . 8.26 9.09 14.31
MG MG F . -0.07 13.74 -18.68
MG MG G . 3.28 10.41 -18.90
#